data_6N4N
#
_entry.id   6N4N
#
_cell.length_a   70.840
_cell.length_b   69.256
_cell.length_c   99.344
_cell.angle_alpha   90.000
_cell.angle_beta   108.590
_cell.angle_gamma   90.000
#
_symmetry.space_group_name_H-M   'P 1 21 1'
#
loop_
_entity.id
_entity.type
_entity.pdbx_description
1 polymer 'NS3 protease'
2 polymer 'Rosetta-designed danoprevir/NS3a complex reader 2'
3 non-polymer 'ZINC ION'
4 non-polymer '(2R,6S,12Z,13aS,14aR,16aS)-6-[(tert-butoxycarbonyl)amino]-14a-[(cyclopropylsulfonyl)carbamoyl]-5,16-dioxo-1,2,3,5,6,7,8 ,9,10,11,13a,14,14a,15,16,16a-hexadecahydrocyclopropa[e]pyrrolo[1,2-a][1,4]diazacyclopentadecin-2-yl 4-fluoro-2H-isoindole-2-carboxylate'
5 non-polymer 'SULFATE ION'
6 water water
#
loop_
_entity_poly.entity_id
_entity_poly.type
_entity_poly.pdbx_seq_one_letter_code
_entity_poly.pdbx_strand_id
1 'polypeptide(L)'
;MKKKGSVVIVGRINLSGDTAYAQQTRGEEGCQETSQTGRDKNQVEGEVQIVSTATQTFLATSINGVLWTVYHGAGTRTIA
SPKGPVTQMYTNVDKDLVGWQAPQGSRSLTPCTCGSSDLYLVTRHADVIPVRRRGDSRGSLLSPRPISYLKGSAGGPLLC
PAGHAVGIFRAAVSTRGVAKAVDFIPVESLETTMRSP
;
A,B
2 'polypeptide(L)'
;SSDEEEARELIERAKEAAERAQEAAERTGDPRVRELARELKRLAQEAAEEVKRDPSSSDVNEALKLIVEAIEAAVDALEA
AERTGDPEVRELARELVRLAVEAAEEVQRNPSSSDVNEALHSIVYAIEAAIFALEAAERTGDPEVRELARELVRLAVEAA
EEVQRNPSSRNVEHALMRIVLAIYLAEENLREAEESGDPEKREKARERVREAVERAEEVQRDPSGWLNH
;
C,F
#
# COMPACT_ATOMS: atom_id res chain seq x y z
N LYS A 3 -16.46 -13.11 -18.37
CA LYS A 3 -17.79 -12.87 -17.74
C LYS A 3 -18.00 -11.42 -17.30
N LYS A 4 -17.11 -10.89 -16.45
CA LYS A 4 -17.09 -9.46 -16.12
C LYS A 4 -16.75 -8.62 -17.37
N GLY A 5 -17.57 -7.60 -17.63
CA GLY A 5 -17.39 -6.76 -18.79
C GLY A 5 -16.51 -5.56 -18.50
N SER A 6 -16.33 -4.71 -19.51
CA SER A 6 -15.62 -3.46 -19.37
C SER A 6 -16.49 -2.39 -18.74
N VAL A 7 -15.84 -1.42 -18.10
CA VAL A 7 -16.49 -0.15 -17.76
C VAL A 7 -16.78 0.60 -19.06
N VAL A 8 -17.98 1.18 -19.16
CA VAL A 8 -18.42 1.90 -20.37
C VAL A 8 -18.70 3.38 -20.07
N ILE A 9 -18.17 4.27 -20.92
CA ILE A 9 -18.53 5.67 -20.93
C ILE A 9 -19.94 5.83 -21.49
N VAL A 10 -20.83 6.38 -20.68
CA VAL A 10 -22.23 6.59 -21.08
C VAL A 10 -22.59 8.06 -21.14
N GLY A 11 -21.64 8.92 -20.77
CA GLY A 11 -21.84 10.36 -20.81
C GLY A 11 -20.60 11.12 -20.40
N ARG A 12 -20.76 12.42 -20.20
CA ARG A 12 -19.62 13.29 -19.89
C ARG A 12 -20.08 14.58 -19.22
N ILE A 13 -19.17 15.25 -18.54
CA ILE A 13 -19.43 16.55 -17.95
C ILE A 13 -18.34 17.53 -18.38
N ASN A 14 -18.79 18.61 -19.01
CA ASN A 14 -17.94 19.71 -19.45
C ASN A 14 -17.78 20.71 -18.32
N LEU A 15 -16.54 21.07 -18.01
CA LEU A 15 -16.23 22.02 -16.93
C LEU A 15 -15.71 23.38 -17.39
N SER A 16 -15.27 23.48 -18.65
CA SER A 16 -14.65 24.71 -19.18
C SER A 16 -15.61 25.90 -19.41
N GLY A 17 -16.90 25.63 -19.54
CA GLY A 17 -17.93 26.68 -19.50
C GLY A 17 -18.05 27.22 -18.08
N ASP A 18 -18.72 28.36 -17.90
CA ASP A 18 -18.91 28.99 -16.57
C ASP A 18 -19.06 28.02 -15.37
N THR A 19 -20.07 27.14 -15.45
CA THR A 19 -20.26 26.02 -14.52
C THR A 19 -20.51 24.71 -15.31
N ALA A 20 -20.59 23.58 -14.59
CA ALA A 20 -20.77 22.22 -15.16
C ALA A 20 -21.95 21.99 -16.13
N TYR A 21 -21.72 21.16 -17.16
CA TYR A 21 -22.75 20.82 -18.15
C TYR A 21 -22.62 19.34 -18.48
N ALA A 22 -23.64 18.53 -18.16
CA ALA A 22 -23.58 17.09 -18.44
C ALA A 22 -24.35 16.65 -19.70
N GLN A 23 -23.84 15.62 -20.37
CA GLN A 23 -24.48 15.05 -21.58
C GLN A 23 -24.54 13.54 -21.47
N GLN A 24 -25.65 12.95 -21.91
CA GLN A 24 -25.73 11.50 -22.08
C GLN A 24 -25.34 11.17 -23.52
N THR A 25 -24.47 10.15 -23.68
CA THR A 25 -23.99 9.72 -25.00
C THR A 25 -24.37 8.28 -25.36
N ARG A 26 -24.90 7.53 -24.39
CA ARG A 26 -25.23 6.12 -24.58
C ARG A 26 -26.40 5.76 -23.69
N GLY A 27 -27.34 5.01 -24.26
CA GLY A 27 -28.46 4.45 -23.52
C GLY A 27 -28.12 3.11 -22.90
N GLU A 28 -29.08 2.54 -22.17
CA GLU A 28 -28.93 1.28 -21.43
C GLU A 28 -28.56 0.09 -22.33
N GLU A 29 -29.20 -0.02 -23.49
CA GLU A 29 -28.99 -1.14 -24.42
C GLU A 29 -27.55 -1.18 -24.99
N GLY A 30 -27.13 -0.05 -25.58
CA GLY A 30 -25.78 0.13 -26.12
C GLY A 30 -24.68 -0.14 -25.11
N CYS A 31 -24.92 0.28 -23.86
CA CYS A 31 -24.00 0.06 -22.75
C CYS A 31 -23.62 -1.41 -22.53
N GLN A 32 -24.63 -2.28 -22.44
CA GLN A 32 -24.38 -3.70 -22.13
C GLN A 32 -23.62 -4.45 -23.25
N GLU A 33 -23.97 -4.15 -24.51
CA GLU A 33 -23.27 -4.70 -25.68
C GLU A 33 -21.81 -4.22 -25.74
N THR A 34 -21.60 -2.93 -25.48
CA THR A 34 -20.26 -2.32 -25.43
C THR A 34 -19.40 -2.90 -24.29
N SER A 35 -20.06 -3.20 -23.18
CA SER A 35 -19.40 -3.81 -22.02
C SER A 35 -18.83 -5.20 -22.35
N GLN A 36 -19.63 -6.01 -23.06
CA GLN A 36 -19.23 -7.36 -23.50
C GLN A 36 -18.06 -7.37 -24.49
N THR A 37 -18.11 -6.52 -25.52
CA THR A 37 -17.05 -6.47 -26.54
C THR A 37 -15.82 -5.68 -26.09
N GLY A 38 -16.03 -4.71 -25.20
CA GLY A 38 -14.98 -3.78 -24.81
C GLY A 38 -14.64 -2.82 -25.92
N ARG A 39 -15.53 -2.72 -26.91
CA ARG A 39 -15.29 -1.94 -28.12
C ARG A 39 -16.30 -0.77 -28.19
N ASP A 40 -15.76 0.44 -28.09
CA ASP A 40 -16.55 1.67 -28.04
C ASP A 40 -15.90 2.68 -28.98
N LYS A 41 -16.58 2.98 -30.08
CA LYS A 41 -16.06 3.88 -31.11
C LYS A 41 -16.53 5.34 -30.98
N ASN A 42 -17.29 5.65 -29.92
CA ASN A 42 -17.77 7.02 -29.66
C ASN A 42 -16.62 7.98 -29.39
N GLN A 43 -16.78 9.22 -29.84
CA GLN A 43 -15.78 10.24 -29.56
C GLN A 43 -15.90 10.68 -28.11
N VAL A 44 -14.75 10.80 -27.47
CA VAL A 44 -14.65 11.21 -26.07
C VAL A 44 -14.21 12.65 -26.05
N GLU A 45 -14.83 13.43 -25.16
CA GLU A 45 -14.52 14.83 -24.91
C GLU A 45 -14.66 15.12 -23.43
N GLY A 46 -14.02 16.20 -22.98
CA GLY A 46 -14.22 16.68 -21.62
C GLY A 46 -13.30 16.06 -20.58
N GLU A 47 -13.44 16.55 -19.34
CA GLU A 47 -12.52 16.29 -18.25
C GLU A 47 -13.09 15.19 -17.38
N VAL A 48 -14.43 15.11 -17.35
CA VAL A 48 -15.14 14.16 -16.53
C VAL A 48 -15.98 13.27 -17.42
N GLN A 49 -15.80 11.97 -17.25
CA GLN A 49 -16.61 10.97 -17.94
C GLN A 49 -17.66 10.39 -16.99
N ILE A 50 -18.84 10.13 -17.52
CA ILE A 50 -19.84 9.39 -16.76
C ILE A 50 -19.65 7.92 -17.16
N VAL A 51 -19.52 7.04 -16.19
CA VAL A 51 -19.13 5.66 -16.49
C VAL A 51 -20.07 4.64 -15.84
N SER A 52 -20.23 3.50 -16.52
CA SER A 52 -21.11 2.42 -16.07
C SER A 52 -20.53 1.02 -16.09
N THR A 53 -20.88 0.26 -15.06
CA THR A 53 -20.83 -1.21 -15.05
C THR A 53 -22.26 -1.70 -15.24
N ALA A 54 -22.49 -3.01 -15.25
CA ALA A 54 -23.88 -3.55 -15.36
C ALA A 54 -24.81 -3.13 -14.22
N THR A 55 -24.24 -2.77 -13.07
CA THR A 55 -25.08 -2.47 -11.88
C THR A 55 -24.99 -1.05 -11.34
N GLN A 56 -23.95 -0.29 -11.68
CA GLN A 56 -23.76 1.05 -11.11
C GLN A 56 -23.26 2.06 -12.14
N THR A 57 -23.62 3.32 -11.92
CA THR A 57 -23.13 4.47 -12.67
C THR A 57 -22.41 5.43 -11.73
N PHE A 58 -21.32 6.00 -12.20
CA PHE A 58 -20.44 6.83 -11.36
C PHE A 58 -19.61 7.70 -12.29
N LEU A 59 -18.58 8.33 -11.75
CA LEU A 59 -17.77 9.31 -12.50
C LEU A 59 -16.30 8.90 -12.59
N ALA A 60 -15.63 9.50 -13.57
CA ALA A 60 -14.21 9.33 -13.78
C ALA A 60 -13.65 10.67 -14.25
N THR A 61 -12.51 11.06 -13.69
CA THR A 61 -11.94 12.37 -13.95
C THR A 61 -10.53 12.20 -14.51
N SER A 62 -10.27 12.90 -15.62
CA SER A 62 -8.94 12.95 -16.23
C SER A 62 -8.06 14.00 -15.57
N ILE A 63 -6.92 13.56 -15.06
CA ILE A 63 -5.91 14.41 -14.43
C ILE A 63 -4.55 13.80 -14.82
N ASN A 64 -3.66 14.64 -15.35
CA ASN A 64 -2.29 14.25 -15.79
C ASN A 64 -2.27 13.12 -16.80
N GLY A 65 -3.16 13.18 -17.79
CA GLY A 65 -3.22 12.14 -18.83
C GLY A 65 -3.74 10.77 -18.38
N VAL A 66 -4.29 10.71 -17.16
CA VAL A 66 -4.89 9.49 -16.66
C VAL A 66 -6.36 9.72 -16.32
N LEU A 67 -7.21 8.78 -16.68
CA LEU A 67 -8.60 8.79 -16.27
C LEU A 67 -8.70 8.00 -15.00
N TRP A 68 -9.03 8.70 -13.91
CA TRP A 68 -9.10 8.14 -12.56
C TRP A 68 -10.54 7.92 -12.09
N THR A 69 -10.77 6.81 -11.38
CA THR A 69 -12.04 6.60 -10.71
C THR A 69 -11.86 5.83 -9.38
N VAL A 70 -12.96 5.44 -8.75
CA VAL A 70 -12.91 4.69 -7.50
C VAL A 70 -12.88 3.18 -7.77
N TYR A 71 -12.04 2.48 -7.03
CA TYR A 71 -12.00 1.03 -7.09
C TYR A 71 -13.37 0.41 -6.74
N HIS A 72 -14.08 0.99 -5.77
CA HIS A 72 -15.29 0.36 -5.25
C HIS A 72 -16.41 0.31 -6.32
N GLY A 73 -16.26 1.12 -7.36
CA GLY A 73 -17.09 1.09 -8.55
C GLY A 73 -16.55 0.21 -9.67
N ALA A 74 -15.28 0.41 -10.04
CA ALA A 74 -14.73 -0.18 -11.27
C ALA A 74 -14.12 -1.57 -11.06
N GLY A 75 -13.72 -1.87 -9.82
CA GLY A 75 -12.96 -3.06 -9.48
C GLY A 75 -11.71 -3.07 -10.34
N THR A 76 -11.39 -4.23 -10.88
CA THR A 76 -10.22 -4.33 -11.73
C THR A 76 -10.56 -4.26 -13.22
N ARG A 77 -11.74 -3.77 -13.57
CA ARG A 77 -12.21 -3.89 -14.95
C ARG A 77 -11.39 -3.09 -15.95
N THR A 78 -11.34 -3.61 -17.17
CA THR A 78 -10.88 -2.87 -18.33
C THR A 78 -11.88 -1.76 -18.67
N ILE A 79 -11.45 -0.76 -19.45
CA ILE A 79 -12.39 0.22 -20.04
C ILE A 79 -12.55 -0.03 -21.54
N ALA A 80 -13.79 0.09 -22.03
CA ALA A 80 -14.06 -0.02 -23.44
C ALA A 80 -13.49 1.18 -24.19
N SER A 81 -12.84 0.91 -25.31
CA SER A 81 -12.16 1.95 -26.10
C SER A 81 -12.31 1.65 -27.61
N PRO A 82 -11.89 2.61 -28.48
CA PRO A 82 -11.94 2.35 -29.93
C PRO A 82 -11.16 1.13 -30.39
N LYS A 83 -10.09 0.78 -29.65
CA LYS A 83 -9.21 -0.35 -30.00
C LYS A 83 -9.45 -1.58 -29.13
N GLY A 84 -10.67 -1.71 -28.59
CA GLY A 84 -10.99 -2.78 -27.66
C GLY A 84 -10.66 -2.46 -26.20
N PRO A 85 -10.84 -3.46 -25.31
CA PRO A 85 -10.71 -3.24 -23.88
C PRO A 85 -9.30 -2.80 -23.47
N VAL A 86 -9.23 -1.76 -22.65
CA VAL A 86 -7.95 -1.22 -22.20
C VAL A 86 -7.81 -1.54 -20.72
N THR A 87 -6.69 -2.16 -20.39
CA THR A 87 -6.32 -2.54 -19.04
C THR A 87 -5.95 -1.30 -18.21
N GLN A 88 -6.25 -1.36 -16.91
CA GLN A 88 -5.87 -0.30 -15.96
C GLN A 88 -4.36 -0.13 -15.93
N MET A 89 -3.92 1.10 -15.78
CA MET A 89 -2.51 1.44 -15.52
C MET A 89 -2.22 1.43 -14.03
N TYR A 90 -3.19 1.84 -13.19
CA TYR A 90 -3.01 1.92 -11.74
C TYR A 90 -4.16 1.29 -11.03
N THR A 91 -3.87 0.51 -9.99
CA THR A 91 -4.89 -0.16 -9.21
C THR A 91 -4.44 -0.18 -7.75
N ASN A 92 -5.07 0.66 -6.92
CA ASN A 92 -4.68 0.79 -5.52
C ASN A 92 -5.90 0.71 -4.61
N VAL A 93 -6.21 -0.50 -4.14
CA VAL A 93 -7.38 -0.75 -3.30
C VAL A 93 -7.33 0.00 -1.96
N ASP A 94 -6.12 0.19 -1.41
CA ASP A 94 -5.93 0.92 -0.16
C ASP A 94 -6.31 2.40 -0.25
N LYS A 95 -6.26 2.96 -1.46
CA LYS A 95 -6.70 4.34 -1.72
C LYS A 95 -8.06 4.38 -2.39
N ASP A 96 -8.65 3.19 -2.66
CA ASP A 96 -9.91 3.08 -3.39
C ASP A 96 -9.78 3.70 -4.81
N LEU A 97 -8.60 3.53 -5.42
CA LEU A 97 -8.21 4.26 -6.66
C LEU A 97 -7.82 3.38 -7.85
N VAL A 98 -8.36 3.70 -9.02
CA VAL A 98 -7.87 3.09 -10.24
C VAL A 98 -7.70 4.12 -11.34
N GLY A 99 -6.90 3.79 -12.34
CA GLY A 99 -6.70 4.68 -13.47
C GLY A 99 -6.40 3.93 -14.75
N TRP A 100 -6.98 4.40 -15.85
CA TRP A 100 -6.60 3.98 -17.21
C TRP A 100 -5.99 5.20 -17.90
N GLN A 101 -5.16 4.96 -18.91
CA GLN A 101 -4.66 6.04 -19.77
C GLN A 101 -5.85 6.83 -20.29
N ALA A 102 -5.77 8.16 -20.21
CA ALA A 102 -6.90 8.99 -20.62
C ALA A 102 -7.21 8.66 -22.07
N PRO A 103 -8.50 8.41 -22.40
CA PRO A 103 -8.91 8.17 -23.79
C PRO A 103 -8.57 9.34 -24.71
N GLN A 104 -8.19 9.02 -25.95
CA GLN A 104 -8.06 9.97 -27.05
C GLN A 104 -9.29 10.90 -27.10
N GLY A 105 -9.01 12.21 -27.04
CA GLY A 105 -10.06 13.24 -27.13
C GLY A 105 -10.50 13.85 -25.80
N SER A 106 -10.19 13.17 -24.70
CA SER A 106 -10.41 13.75 -23.37
C SER A 106 -9.34 14.83 -23.07
N ARG A 107 -9.67 15.76 -22.20
CA ARG A 107 -8.69 16.70 -21.66
C ARG A 107 -8.55 16.51 -20.15
N SER A 108 -7.34 16.72 -19.67
CA SER A 108 -7.06 16.60 -18.23
C SER A 108 -7.30 17.90 -17.49
N LEU A 109 -7.74 17.80 -16.24
CA LEU A 109 -7.68 18.94 -15.30
C LEU A 109 -6.25 19.14 -14.80
N THR A 110 -5.93 20.39 -14.48
CA THR A 110 -4.64 20.73 -13.89
C THR A 110 -4.76 20.56 -12.36
N PRO A 111 -3.76 19.89 -11.71
CA PRO A 111 -3.74 19.84 -10.23
C PRO A 111 -3.73 21.24 -9.61
N CYS A 112 -4.40 21.40 -8.48
CA CYS A 112 -4.40 22.69 -7.76
C CYS A 112 -3.06 23.01 -7.11
N THR A 113 -2.64 24.24 -7.30
CA THR A 113 -1.41 24.78 -6.71
C THR A 113 -1.72 25.96 -5.77
N CYS A 114 -2.99 26.43 -5.76
CA CYS A 114 -3.36 27.64 -5.02
C CYS A 114 -3.55 27.44 -3.51
N GLY A 115 -3.80 26.20 -3.09
CA GLY A 115 -3.94 25.85 -1.68
C GLY A 115 -5.20 26.38 -1.03
N SER A 116 -6.21 26.66 -1.86
CA SER A 116 -7.47 27.18 -1.37
C SER A 116 -8.30 26.11 -0.65
N SER A 117 -9.09 26.56 0.32
CA SER A 117 -9.97 25.69 1.07
C SER A 117 -11.45 25.75 0.62
N ASP A 118 -11.76 26.62 -0.34
CA ASP A 118 -13.11 26.70 -0.91
C ASP A 118 -13.20 25.75 -2.08
N LEU A 119 -13.70 24.55 -1.83
CA LEU A 119 -13.78 23.54 -2.85
C LEU A 119 -15.20 23.41 -3.40
N TYR A 120 -15.31 22.74 -4.54
CA TYR A 120 -16.60 22.51 -5.19
C TYR A 120 -16.60 21.12 -5.72
N LEU A 121 -17.57 20.35 -5.27
CA LEU A 121 -17.78 18.98 -5.70
C LEU A 121 -18.80 18.96 -6.86
N VAL A 122 -18.40 18.39 -8.00
CA VAL A 122 -19.25 18.27 -9.20
C VAL A 122 -19.95 16.90 -9.15
N THR A 123 -21.28 16.91 -9.19
CA THR A 123 -22.06 15.67 -9.15
C THR A 123 -22.30 15.17 -10.55
N ARG A 124 -22.79 13.94 -10.63
CA ARG A 124 -23.13 13.28 -11.88
C ARG A 124 -24.20 14.05 -12.71
N HIS A 125 -25.06 14.79 -12.01
CA HIS A 125 -26.13 15.56 -12.63
C HIS A 125 -25.71 17.01 -12.92
N ALA A 126 -24.42 17.28 -12.75
CA ALA A 126 -23.80 18.60 -12.96
C ALA A 126 -24.21 19.69 -11.95
N ASP A 127 -24.66 19.26 -10.77
CA ASP A 127 -24.75 20.12 -9.58
C ASP A 127 -23.35 20.44 -9.12
N VAL A 128 -23.22 21.51 -8.35
CA VAL A 128 -21.94 22.01 -7.86
C VAL A 128 -22.16 22.31 -6.38
N ILE A 129 -21.51 21.50 -5.52
CA ILE A 129 -21.75 21.53 -4.07
C ILE A 129 -20.51 22.08 -3.39
N PRO A 130 -20.66 23.19 -2.62
CA PRO A 130 -19.49 23.73 -1.92
C PRO A 130 -19.04 22.86 -0.73
N VAL A 131 -17.73 22.81 -0.58
CA VAL A 131 -17.05 21.97 0.39
C VAL A 131 -15.93 22.84 0.96
N ARG A 132 -15.87 22.92 2.28
CA ARG A 132 -14.76 23.56 2.96
C ARG A 132 -13.72 22.48 3.33
N ARG A 133 -12.54 22.55 2.69
CA ARG A 133 -11.45 21.63 2.99
C ARG A 133 -11.10 21.68 4.46
N ARG A 134 -10.97 20.50 5.08
CA ARG A 134 -10.51 20.44 6.46
C ARG A 134 -9.08 19.93 6.53
N GLY A 135 -8.83 18.71 6.06
CA GLY A 135 -7.47 18.16 6.04
C GLY A 135 -7.07 17.68 4.66
N ASP A 136 -6.11 16.75 4.64
CA ASP A 136 -5.60 16.13 3.42
C ASP A 136 -6.73 15.58 2.50
N SER A 137 -7.67 14.86 3.10
CA SER A 137 -8.64 14.10 2.31
C SER A 137 -10.11 14.22 2.78
N ARG A 138 -10.41 15.30 3.50
CA ARG A 138 -11.74 15.54 4.08
C ARG A 138 -12.18 16.98 3.87
N GLY A 139 -13.49 17.15 3.67
CA GLY A 139 -14.08 18.46 3.48
C GLY A 139 -15.44 18.52 4.11
N SER A 140 -15.80 19.65 4.74
CA SER A 140 -17.11 19.78 5.37
C SER A 140 -18.10 20.31 4.35
N LEU A 141 -19.33 19.81 4.42
CA LEU A 141 -20.44 20.38 3.67
C LEU A 141 -20.96 21.60 4.43
N LEU A 142 -21.46 22.60 3.71
CA LEU A 142 -21.96 23.84 4.33
C LEU A 142 -23.31 23.64 4.98
N SER A 143 -24.07 22.68 4.48
CA SER A 143 -25.32 22.23 5.09
C SER A 143 -25.37 20.71 4.98
N PRO A 144 -25.95 20.02 6.01
CA PRO A 144 -26.15 18.57 5.94
C PRO A 144 -26.95 18.18 4.69
N ARG A 145 -26.57 17.06 4.08
CA ARG A 145 -27.09 16.65 2.80
C ARG A 145 -27.46 15.16 2.84
N PRO A 146 -28.72 14.83 2.45
CA PRO A 146 -29.15 13.44 2.28
C PRO A 146 -28.23 12.73 1.30
N ILE A 147 -27.83 11.49 1.61
CA ILE A 147 -26.81 10.78 0.83
C ILE A 147 -27.19 10.56 -0.65
N SER A 148 -28.49 10.48 -0.91
CA SER A 148 -28.99 10.22 -2.25
C SER A 148 -28.58 11.29 -3.27
N TYR A 149 -28.28 12.51 -2.81
CA TYR A 149 -27.74 13.56 -3.69
C TYR A 149 -26.26 13.37 -4.03
N LEU A 150 -25.57 12.53 -3.28
CA LEU A 150 -24.15 12.29 -3.50
C LEU A 150 -23.89 10.96 -4.21
N LYS A 151 -24.74 9.97 -3.97
CA LYS A 151 -24.57 8.62 -4.51
C LYS A 151 -24.46 8.65 -6.01
N GLY A 152 -23.48 7.91 -6.54
CA GLY A 152 -23.25 7.85 -7.98
C GLY A 152 -22.34 8.95 -8.49
N SER A 153 -21.77 9.77 -7.59
CA SER A 153 -20.84 10.83 -7.97
C SER A 153 -19.38 10.57 -7.56
N ALA A 154 -19.10 9.43 -6.94
CA ALA A 154 -17.72 9.02 -6.62
C ALA A 154 -16.96 8.91 -7.93
N GLY A 155 -15.67 9.24 -7.87
CA GLY A 155 -14.84 9.35 -9.06
C GLY A 155 -14.87 10.74 -9.67
N GLY A 156 -15.73 11.61 -9.15
CA GLY A 156 -15.85 12.97 -9.67
C GLY A 156 -14.90 13.95 -9.01
N PRO A 157 -14.73 15.15 -9.63
CA PRO A 157 -13.70 16.06 -9.11
C PRO A 157 -14.16 16.95 -7.98
N LEU A 158 -13.21 17.26 -7.10
CA LEU A 158 -13.29 18.45 -6.26
C LEU A 158 -12.37 19.49 -6.84
N LEU A 159 -12.95 20.65 -7.11
CA LEU A 159 -12.27 21.76 -7.79
C LEU A 159 -12.05 22.93 -6.84
N CYS A 160 -10.98 23.68 -7.06
CA CYS A 160 -10.73 24.94 -6.35
C CYS A 160 -11.51 26.09 -7.05
N PRO A 161 -11.54 27.32 -6.46
CA PRO A 161 -12.23 28.42 -7.17
C PRO A 161 -11.76 28.70 -8.62
N ALA A 162 -10.52 28.33 -8.94
CA ALA A 162 -9.96 28.52 -10.28
C ALA A 162 -10.23 27.33 -11.22
N GLY A 163 -10.92 26.30 -10.73
CA GLY A 163 -11.26 25.13 -11.55
C GLY A 163 -10.13 24.13 -11.71
N HIS A 164 -9.10 24.22 -10.87
CA HIS A 164 -8.07 23.16 -10.76
C HIS A 164 -8.58 21.98 -9.93
N ALA A 165 -8.02 20.80 -10.16
CA ALA A 165 -8.39 19.61 -9.39
C ALA A 165 -7.69 19.55 -8.04
N VAL A 166 -8.48 19.38 -6.99
CA VAL A 166 -7.95 19.21 -5.63
C VAL A 166 -7.98 17.73 -5.22
N GLY A 167 -8.95 16.99 -5.76
CA GLY A 167 -9.12 15.59 -5.45
C GLY A 167 -10.25 14.91 -6.20
N ILE A 168 -10.39 13.62 -5.94
CA ILE A 168 -11.42 12.73 -6.52
C ILE A 168 -12.36 12.32 -5.38
N PHE A 169 -13.67 12.52 -5.57
CA PHE A 169 -14.69 12.18 -4.56
C PHE A 169 -14.73 10.66 -4.32
N ARG A 170 -14.65 10.26 -3.04
CA ARG A 170 -14.47 8.84 -2.67
C ARG A 170 -15.59 8.30 -1.77
N ALA A 171 -15.97 9.08 -0.74
CA ALA A 171 -16.93 8.63 0.27
C ALA A 171 -17.60 9.82 0.97
N ALA A 172 -18.77 9.53 1.55
CA ALA A 172 -19.59 10.51 2.26
C ALA A 172 -19.56 10.12 3.73
N VAL A 173 -19.17 11.05 4.59
CA VAL A 173 -19.14 10.80 6.04
C VAL A 173 -20.56 11.05 6.52
N SER A 174 -21.28 9.97 6.85
CA SER A 174 -22.69 10.10 7.10
C SER A 174 -23.22 9.30 8.27
N THR A 175 -24.27 9.88 8.87
CA THR A 175 -25.00 9.31 9.97
C THR A 175 -26.46 9.25 9.51
N ARG A 176 -27.06 8.06 9.57
CA ARG A 176 -28.49 7.82 9.24
C ARG A 176 -28.93 8.45 7.91
N GLY A 177 -28.11 8.28 6.88
CA GLY A 177 -28.43 8.77 5.53
C GLY A 177 -28.19 10.26 5.31
N VAL A 178 -27.56 10.92 6.28
CA VAL A 178 -27.30 12.36 6.21
C VAL A 178 -25.77 12.58 6.28
N ALA A 179 -25.22 13.13 5.21
CA ALA A 179 -23.80 13.44 5.09
C ALA A 179 -23.52 14.86 5.55
N LYS A 180 -22.39 14.99 6.24
CA LYS A 180 -21.95 16.23 6.87
C LYS A 180 -20.60 16.63 6.31
N ALA A 181 -19.90 15.66 5.74
CA ALA A 181 -18.56 15.82 5.22
C ALA A 181 -18.34 14.86 4.07
N VAL A 182 -17.31 15.14 3.27
CA VAL A 182 -16.87 14.26 2.20
C VAL A 182 -15.40 13.85 2.34
N ASP A 183 -15.10 12.65 1.86
CA ASP A 183 -13.77 12.09 1.79
C ASP A 183 -13.38 12.01 0.31
N PHE A 184 -12.19 12.49 -0.01
CA PHE A 184 -11.72 12.52 -1.38
C PHE A 184 -10.25 12.09 -1.42
N ILE A 185 -9.84 11.46 -2.53
CA ILE A 185 -8.45 11.14 -2.79
C ILE A 185 -7.72 12.42 -3.18
N PRO A 186 -6.74 12.88 -2.37
CA PRO A 186 -6.07 14.13 -2.77
C PRO A 186 -5.28 13.98 -4.08
N VAL A 187 -5.24 15.05 -4.87
CA VAL A 187 -4.54 15.03 -6.15
C VAL A 187 -3.05 14.62 -6.05
N GLU A 188 -2.41 14.91 -4.91
CA GLU A 188 -1.04 14.51 -4.61
C GLU A 188 -0.88 12.99 -4.50
N SER A 189 -1.95 12.30 -4.10
CA SER A 189 -1.99 10.83 -4.05
C SER A 189 -2.21 10.13 -5.38
N LEU A 190 -2.43 10.86 -6.46
CA LEU A 190 -2.60 10.22 -7.78
C LEU A 190 -1.23 9.81 -8.33
N GLU A 191 -0.71 8.73 -7.74
CA GLU A 191 0.67 8.25 -7.93
C GLU A 191 0.84 7.64 -9.32
N THR A 192 1.70 8.25 -10.14
CA THR A 192 1.99 7.68 -11.46
C THR A 192 3.44 7.22 -11.58
N THR A 193 3.72 6.37 -12.56
CA THR A 193 5.10 5.95 -12.82
C THR A 193 5.44 6.24 -14.27
N MET A 194 6.71 6.49 -14.55
CA MET A 194 7.18 6.79 -15.89
C MET A 194 6.98 5.59 -16.82
N ARG A 195 7.20 4.40 -16.29
CA ARG A 195 7.12 3.16 -17.06
C ARG A 195 6.20 2.14 -16.43
N SER A 196 5.89 1.12 -17.21
CA SER A 196 5.09 -0.02 -16.78
C SER A 196 5.71 -1.28 -17.36
N PRO A 197 5.64 -2.41 -16.63
CA PRO A 197 6.24 -3.61 -17.22
C PRO A 197 5.46 -4.09 -18.44
N LYS B 3 0.00 -2.04 -28.54
CA LYS B 3 -1.02 -2.68 -27.65
C LYS B 3 -0.44 -3.89 -26.86
N LYS B 4 -0.49 -3.80 -25.55
CA LYS B 4 -0.02 -4.86 -24.65
C LYS B 4 -0.90 -6.10 -24.79
N GLY B 5 -0.28 -7.26 -24.95
CA GLY B 5 -0.98 -8.54 -24.98
C GLY B 5 -1.18 -9.15 -23.60
N SER B 6 -1.77 -10.33 -23.58
CA SER B 6 -1.93 -11.13 -22.36
C SER B 6 -0.64 -11.85 -22.00
N VAL B 7 -0.48 -12.13 -20.71
CA VAL B 7 0.51 -13.11 -20.25
C VAL B 7 0.04 -14.50 -20.73
N VAL B 8 0.98 -15.29 -21.24
CA VAL B 8 0.68 -16.62 -21.77
C VAL B 8 1.43 -17.73 -20.99
N ILE B 9 0.69 -18.78 -20.63
CA ILE B 9 1.26 -19.99 -20.08
C ILE B 9 1.97 -20.75 -21.21
N VAL B 10 3.28 -20.96 -21.04
CA VAL B 10 4.09 -21.66 -22.04
C VAL B 10 4.65 -22.97 -21.49
N GLY B 11 4.38 -23.24 -20.22
CA GLY B 11 4.82 -24.46 -19.57
C GLY B 11 4.34 -24.58 -18.14
N ARG B 12 4.88 -25.55 -17.42
CA ARG B 12 4.45 -25.82 -16.06
C ARG B 12 5.50 -26.60 -15.27
N ILE B 13 5.39 -26.57 -13.95
CA ILE B 13 6.25 -27.36 -13.08
C ILE B 13 5.39 -28.14 -12.09
N ASN B 14 5.55 -29.46 -12.14
CA ASN B 14 4.90 -30.39 -11.22
C ASN B 14 5.74 -30.58 -9.98
N LEU B 15 5.10 -30.39 -8.81
CA LEU B 15 5.80 -30.48 -7.51
C LEU B 15 5.44 -31.70 -6.66
N SER B 16 4.34 -32.38 -7.00
CA SER B 16 3.83 -33.52 -6.19
C SER B 16 4.66 -34.82 -6.23
N GLY B 17 5.48 -34.98 -7.27
CA GLY B 17 6.51 -36.04 -7.30
C GLY B 17 7.61 -35.69 -6.31
N ASP B 18 8.48 -36.66 -6.00
CA ASP B 18 9.64 -36.46 -5.09
C ASP B 18 10.28 -35.04 -5.12
N THR B 19 10.75 -34.64 -6.30
CA THR B 19 11.22 -33.27 -6.58
C THR B 19 10.57 -32.72 -7.88
N ALA B 20 10.82 -31.45 -8.17
CA ALA B 20 10.27 -30.73 -9.35
C ALA B 20 10.47 -31.36 -10.74
N TYR B 21 9.47 -31.18 -11.61
CA TYR B 21 9.50 -31.68 -12.99
C TYR B 21 8.87 -30.63 -13.90
N ALA B 22 9.65 -30.04 -14.79
CA ALA B 22 9.12 -28.99 -15.68
C ALA B 22 8.80 -29.49 -17.11
N GLN B 23 7.78 -28.90 -17.73
CA GLN B 23 7.39 -29.24 -19.11
C GLN B 23 7.15 -27.96 -19.92
N GLN B 24 7.55 -27.97 -21.18
CA GLN B 24 7.18 -26.93 -22.13
C GLN B 24 5.88 -27.37 -22.84
N THR B 25 4.91 -26.46 -22.92
CA THR B 25 3.61 -26.73 -23.56
C THR B 25 3.33 -25.86 -24.79
N ARG B 26 4.15 -24.84 -25.00
CA ARG B 26 3.94 -23.89 -26.09
C ARG B 26 5.28 -23.38 -26.59
N GLY B 27 5.42 -23.31 -27.91
CA GLY B 27 6.59 -22.71 -28.55
C GLY B 27 6.41 -21.21 -28.74
N GLU B 28 7.45 -20.58 -29.25
CA GLU B 28 7.54 -19.12 -29.43
C GLU B 28 6.42 -18.55 -30.33
N GLU B 29 6.13 -19.24 -31.44
CA GLU B 29 5.12 -18.78 -32.41
C GLU B 29 3.70 -18.74 -31.82
N GLY B 30 3.26 -19.87 -31.26
CA GLY B 30 1.96 -20.00 -30.59
C GLY B 30 1.75 -19.00 -29.46
N CYS B 31 2.82 -18.72 -28.72
CA CYS B 31 2.82 -17.74 -27.64
C CYS B 31 2.35 -16.33 -28.07
N GLN B 32 2.94 -15.82 -29.14
CA GLN B 32 2.64 -14.45 -29.59
C GLN B 32 1.22 -14.26 -30.12
N GLU B 33 0.73 -15.26 -30.86
CA GLU B 33 -0.67 -15.30 -31.34
C GLU B 33 -1.65 -15.38 -30.18
N THR B 34 -1.36 -16.23 -29.19
CA THR B 34 -2.17 -16.39 -27.97
C THR B 34 -2.18 -15.10 -27.14
N SER B 35 -1.05 -14.40 -27.12
CA SER B 35 -0.93 -13.14 -26.41
C SER B 35 -1.86 -12.06 -26.97
N GLN B 36 -1.92 -11.98 -28.31
CA GLN B 36 -2.80 -11.04 -29.04
C GLN B 36 -4.30 -11.29 -28.82
N THR B 37 -4.73 -12.55 -28.94
CA THR B 37 -6.16 -12.91 -28.78
C THR B 37 -6.59 -13.00 -27.32
N GLY B 38 -5.64 -13.36 -26.44
CA GLY B 38 -5.95 -13.67 -25.05
C GLY B 38 -6.70 -14.98 -24.91
N ARG B 39 -6.66 -15.80 -25.96
CA ARG B 39 -7.42 -17.03 -26.04
C ARG B 39 -6.48 -18.24 -26.10
N ASP B 40 -6.52 -19.05 -25.04
CA ASP B 40 -5.65 -20.19 -24.84
C ASP B 40 -6.50 -21.38 -24.41
N LYS B 41 -6.62 -22.37 -25.29
CA LYS B 41 -7.45 -23.54 -25.03
C LYS B 41 -6.71 -24.75 -24.45
N ASN B 42 -5.40 -24.60 -24.18
CA ASN B 42 -4.57 -25.67 -23.58
C ASN B 42 -5.03 -26.02 -22.19
N GLN B 43 -4.92 -27.30 -21.85
CA GLN B 43 -5.22 -27.76 -20.50
C GLN B 43 -4.12 -27.33 -19.55
N VAL B 44 -4.55 -26.83 -18.40
CA VAL B 44 -3.65 -26.36 -17.35
C VAL B 44 -3.62 -27.42 -16.27
N GLU B 45 -2.42 -27.70 -15.78
CA GLU B 45 -2.18 -28.63 -14.67
C GLU B 45 -1.06 -28.08 -13.80
N GLY B 46 -0.99 -28.55 -12.56
CA GLY B 46 0.15 -28.24 -11.69
C GLY B 46 0.00 -26.98 -10.87
N GLU B 47 0.99 -26.76 -10.02
CA GLU B 47 0.98 -25.74 -8.98
C GLU B 47 1.70 -24.50 -9.48
N VAL B 48 2.67 -24.71 -10.37
CA VAL B 48 3.50 -23.67 -10.89
C VAL B 48 3.33 -23.62 -12.40
N GLN B 49 3.02 -22.44 -12.91
CA GLN B 49 2.96 -22.19 -14.34
C GLN B 49 4.19 -21.45 -14.83
N ILE B 50 4.68 -21.80 -16.01
CA ILE B 50 5.73 -21.03 -16.65
C ILE B 50 5.02 -20.03 -17.55
N VAL B 51 5.36 -18.74 -17.43
CA VAL B 51 4.57 -17.70 -18.10
C VAL B 51 5.42 -16.74 -18.89
N SER B 52 4.84 -16.21 -19.97
CA SER B 52 5.54 -15.30 -20.87
C SER B 52 4.78 -14.05 -21.28
N THR B 53 5.54 -12.95 -21.35
CA THR B 53 5.17 -11.74 -22.10
C THR B 53 6.00 -11.79 -23.40
N ALA B 54 5.85 -10.80 -24.27
CA ALA B 54 6.66 -10.74 -25.52
C ALA B 54 8.18 -10.67 -25.27
N THR B 55 8.59 -10.20 -24.08
CA THR B 55 10.02 -9.98 -23.83
C THR B 55 10.64 -10.82 -22.70
N GLN B 56 9.84 -11.38 -21.81
CA GLN B 56 10.37 -12.12 -20.66
C GLN B 56 9.56 -13.36 -20.32
N THR B 57 10.24 -14.34 -19.74
CA THR B 57 9.64 -15.56 -19.21
C THR B 57 9.95 -15.65 -17.71
N PHE B 58 8.97 -16.12 -16.96
CA PHE B 58 9.04 -16.15 -15.51
C PHE B 58 8.04 -17.16 -14.99
N LEU B 59 7.76 -17.15 -13.69
CA LEU B 59 6.91 -18.17 -13.06
C LEU B 59 5.70 -17.55 -12.38
N ALA B 60 4.70 -18.41 -12.15
CA ALA B 60 3.49 -18.07 -11.44
C ALA B 60 3.09 -19.29 -10.60
N THR B 61 2.70 -19.04 -9.36
CA THR B 61 2.41 -20.10 -8.41
C THR B 61 0.98 -19.96 -7.90
N SER B 62 0.24 -21.07 -7.94
CA SER B 62 -1.12 -21.14 -7.40
C SER B 62 -1.09 -21.43 -5.90
N ILE B 63 -1.70 -20.53 -5.15
CA ILE B 63 -1.85 -20.64 -3.68
C ILE B 63 -3.24 -20.05 -3.36
N ASN B 64 -4.05 -20.82 -2.62
CA ASN B 64 -5.41 -20.44 -2.19
C ASN B 64 -6.33 -20.05 -3.34
N GLY B 65 -6.30 -20.84 -4.42
CA GLY B 65 -7.16 -20.59 -5.59
C GLY B 65 -6.79 -19.36 -6.42
N VAL B 66 -5.62 -18.78 -6.15
CA VAL B 66 -5.13 -17.66 -6.94
C VAL B 66 -3.80 -17.98 -7.56
N LEU B 67 -3.62 -17.61 -8.82
CA LEU B 67 -2.34 -17.73 -9.49
C LEU B 67 -1.61 -16.41 -9.29
N TRP B 68 -0.52 -16.47 -8.54
CA TRP B 68 0.28 -15.29 -8.16
C TRP B 68 1.58 -15.19 -8.95
N THR B 69 1.94 -13.96 -9.32
CA THR B 69 3.28 -13.70 -9.89
C THR B 69 3.81 -12.32 -9.47
N VAL B 70 4.94 -11.92 -10.05
CA VAL B 70 5.52 -10.61 -9.77
C VAL B 70 4.97 -9.54 -10.70
N TYR B 71 4.68 -8.38 -10.14
CA TYR B 71 4.29 -7.22 -10.95
C TYR B 71 5.38 -6.84 -11.95
N HIS B 72 6.66 -6.96 -11.58
CA HIS B 72 7.74 -6.45 -12.42
C HIS B 72 7.86 -7.24 -13.73
N GLY B 73 7.26 -8.42 -13.77
CA GLY B 73 7.11 -9.23 -14.96
C GLY B 73 5.79 -9.00 -15.70
N ALA B 74 4.67 -9.06 -14.98
CA ALA B 74 3.34 -9.13 -15.61
C ALA B 74 2.73 -7.76 -15.86
N GLY B 75 3.16 -6.76 -15.08
CA GLY B 75 2.55 -5.44 -15.07
C GLY B 75 1.08 -5.62 -14.75
N THR B 76 0.22 -4.90 -15.47
CA THR B 76 -1.19 -5.02 -15.23
C THR B 76 -1.89 -5.96 -16.23
N ARG B 77 -1.13 -6.81 -16.90
CA ARG B 77 -1.69 -7.57 -18.02
C ARG B 77 -2.75 -8.58 -17.60
N THR B 78 -3.68 -8.82 -18.52
CA THR B 78 -4.60 -9.94 -18.44
C THR B 78 -3.82 -11.26 -18.64
N ILE B 79 -4.42 -12.39 -18.26
CA ILE B 79 -3.89 -13.71 -18.63
C ILE B 79 -4.78 -14.37 -19.70
N ALA B 80 -4.17 -15.02 -20.67
CA ALA B 80 -4.89 -15.75 -21.69
C ALA B 80 -5.51 -17.00 -21.06
N SER B 81 -6.77 -17.25 -21.40
CA SER B 81 -7.54 -18.38 -20.83
C SER B 81 -8.46 -18.99 -21.89
N PRO B 82 -9.11 -20.14 -21.57
CA PRO B 82 -10.08 -20.74 -22.52
C PRO B 82 -11.22 -19.81 -22.93
N LYS B 83 -11.60 -18.90 -22.04
CA LYS B 83 -12.73 -17.99 -22.27
C LYS B 83 -12.27 -16.56 -22.62
N GLY B 84 -11.07 -16.45 -23.19
CA GLY B 84 -10.49 -15.14 -23.48
C GLY B 84 -9.72 -14.52 -22.32
N PRO B 85 -9.25 -13.28 -22.51
CA PRO B 85 -8.34 -12.65 -21.53
C PRO B 85 -9.02 -12.45 -20.17
N VAL B 86 -8.32 -12.82 -19.11
CA VAL B 86 -8.86 -12.74 -17.76
C VAL B 86 -8.08 -11.63 -17.03
N THR B 87 -8.84 -10.71 -16.47
CA THR B 87 -8.35 -9.58 -15.71
C THR B 87 -7.80 -10.04 -14.35
N GLN B 88 -6.77 -9.35 -13.86
CA GLN B 88 -6.19 -9.60 -12.53
C GLN B 88 -7.24 -9.37 -11.46
N MET B 89 -7.19 -10.21 -10.42
CA MET B 89 -7.97 -10.01 -9.19
C MET B 89 -7.24 -9.11 -8.21
N TYR B 90 -5.90 -9.19 -8.16
CA TYR B 90 -5.08 -8.43 -7.19
C TYR B 90 -3.93 -7.81 -7.90
N THR B 91 -3.65 -6.55 -7.56
CA THR B 91 -2.55 -5.80 -8.16
C THR B 91 -1.94 -4.89 -7.10
N ASN B 92 -0.75 -5.27 -6.61
CA ASN B 92 -0.12 -4.52 -5.52
C ASN B 92 1.35 -4.24 -5.85
N VAL B 93 1.59 -3.09 -6.47
CA VAL B 93 2.95 -2.69 -6.89
C VAL B 93 3.93 -2.55 -5.72
N ASP B 94 3.43 -2.14 -4.54
CA ASP B 94 4.27 -2.00 -3.36
C ASP B 94 4.82 -3.33 -2.83
N LYS B 95 4.13 -4.42 -3.16
CA LYS B 95 4.60 -5.77 -2.83
C LYS B 95 5.19 -6.48 -4.05
N ASP B 96 5.16 -5.81 -5.22
CA ASP B 96 5.59 -6.39 -6.48
C ASP B 96 4.73 -7.64 -6.82
N LEU B 97 3.43 -7.58 -6.47
CA LEU B 97 2.53 -8.75 -6.50
C LEU B 97 1.28 -8.59 -7.38
N VAL B 98 0.99 -9.61 -8.19
CA VAL B 98 -0.29 -9.66 -8.87
C VAL B 98 -0.88 -11.05 -8.77
N GLY B 99 -2.19 -11.16 -8.98
CA GLY B 99 -2.85 -12.45 -9.00
C GLY B 99 -4.05 -12.46 -9.91
N TRP B 100 -4.24 -13.58 -10.62
CA TRP B 100 -5.47 -13.88 -11.33
C TRP B 100 -6.10 -15.11 -10.65
N GLN B 101 -7.41 -15.27 -10.79
CA GLN B 101 -8.09 -16.50 -10.34
C GLN B 101 -7.37 -17.70 -10.96
N ALA B 102 -7.07 -18.71 -10.15
CA ALA B 102 -6.31 -19.86 -10.64
C ALA B 102 -7.10 -20.47 -11.79
N PRO B 103 -6.42 -20.72 -12.94
CA PRO B 103 -7.06 -21.38 -14.09
C PRO B 103 -7.63 -22.76 -13.72
N GLN B 104 -8.75 -23.09 -14.32
CA GLN B 104 -9.35 -24.43 -14.25
C GLN B 104 -8.30 -25.50 -14.57
N GLY B 105 -8.12 -26.45 -13.64
CA GLY B 105 -7.19 -27.58 -13.83
C GLY B 105 -5.88 -27.45 -13.07
N SER B 106 -5.54 -26.22 -12.66
CA SER B 106 -4.42 -26.01 -11.76
C SER B 106 -4.77 -26.47 -10.33
N ARG B 107 -3.75 -26.83 -9.56
CA ARG B 107 -3.95 -27.06 -8.13
C ARG B 107 -3.11 -26.06 -7.33
N SER B 108 -3.64 -25.67 -6.17
CA SER B 108 -2.95 -24.74 -5.29
C SER B 108 -2.00 -25.45 -4.32
N LEU B 109 -0.90 -24.79 -3.98
CA LEU B 109 -0.08 -25.19 -2.83
C LEU B 109 -0.76 -24.75 -1.52
N THR B 110 -0.52 -25.50 -0.47
CA THR B 110 -1.00 -25.17 0.86
C THR B 110 0.03 -24.22 1.52
N PRO B 111 -0.43 -23.09 2.14
CA PRO B 111 0.49 -22.25 2.93
C PRO B 111 1.18 -23.04 4.04
N CYS B 112 2.43 -22.72 4.32
CA CYS B 112 3.18 -23.38 5.39
C CYS B 112 2.70 -22.98 6.78
N THR B 113 2.53 -23.98 7.63
CA THR B 113 2.14 -23.80 9.02
C THR B 113 3.22 -24.34 9.98
N CYS B 114 4.26 -24.99 9.43
CA CYS B 114 5.30 -25.64 10.25
C CYS B 114 6.36 -24.67 10.81
N GLY B 115 6.49 -23.50 10.21
CA GLY B 115 7.42 -22.45 10.66
C GLY B 115 8.90 -22.81 10.51
N SER B 116 9.18 -23.69 9.56
CA SER B 116 10.53 -24.14 9.29
C SER B 116 11.38 -23.07 8.59
N SER B 117 12.68 -23.08 8.87
CA SER B 117 13.62 -22.18 8.23
C SER B 117 14.42 -22.81 7.07
N ASP B 118 14.23 -24.10 6.83
CA ASP B 118 14.87 -24.79 5.71
C ASP B 118 13.98 -24.70 4.49
N LEU B 119 14.24 -23.70 3.64
CA LEU B 119 13.40 -23.47 2.49
C LEU B 119 14.07 -23.98 1.22
N TYR B 120 13.27 -24.07 0.16
CA TYR B 120 13.74 -24.56 -1.13
C TYR B 120 13.08 -23.74 -2.19
N LEU B 121 13.91 -23.09 -2.98
CA LEU B 121 13.48 -22.28 -4.10
C LEU B 121 13.47 -23.13 -5.38
N VAL B 122 12.30 -23.20 -6.05
CA VAL B 122 12.13 -23.95 -7.31
C VAL B 122 12.36 -22.99 -8.49
N THR B 123 13.32 -23.31 -9.34
CA THR B 123 13.62 -22.46 -10.50
C THR B 123 12.81 -22.89 -11.70
N ARG B 124 12.84 -22.05 -12.73
CA ARG B 124 12.14 -22.28 -13.99
C ARG B 124 12.59 -23.60 -14.69
N HIS B 125 13.83 -24.00 -14.45
CA HIS B 125 14.41 -25.22 -15.03
C HIS B 125 14.22 -26.44 -14.13
N ALA B 126 13.44 -26.27 -13.07
CA ALA B 126 13.14 -27.30 -12.06
C ALA B 126 14.33 -27.71 -11.18
N ASP B 127 15.32 -26.83 -11.07
CA ASP B 127 16.35 -26.91 -10.02
C ASP B 127 15.68 -26.59 -8.69
N VAL B 128 16.31 -27.02 -7.60
CA VAL B 128 15.80 -26.86 -6.25
C VAL B 128 16.96 -26.35 -5.41
N ILE B 129 16.87 -25.09 -4.98
CA ILE B 129 17.99 -24.38 -4.37
C ILE B 129 17.66 -24.14 -2.90
N PRO B 130 18.51 -24.66 -1.97
CA PRO B 130 18.23 -24.43 -0.54
C PRO B 130 18.48 -22.99 -0.10
N VAL B 131 17.60 -22.55 0.80
CA VAL B 131 17.53 -21.20 1.29
C VAL B 131 17.28 -21.32 2.78
N ARG B 132 18.10 -20.64 3.57
CA ARG B 132 17.87 -20.54 5.00
C ARG B 132 17.10 -19.23 5.28
N ARG B 133 15.86 -19.37 5.74
CA ARG B 133 15.04 -18.20 6.09
C ARG B 133 15.74 -17.35 7.14
N ARG B 134 15.77 -16.04 6.92
CA ARG B 134 16.30 -15.13 7.91
C ARG B 134 15.18 -14.35 8.60
N GLY B 135 14.42 -13.57 7.84
CA GLY B 135 13.28 -12.84 8.40
C GLY B 135 12.00 -13.11 7.65
N ASP B 136 11.07 -12.14 7.75
CA ASP B 136 9.77 -12.20 7.07
C ASP B 136 9.88 -12.52 5.57
N SER B 137 10.78 -11.81 4.88
CA SER B 137 10.83 -11.86 3.43
C SER B 137 12.23 -12.03 2.81
N ARG B 138 13.17 -12.58 3.59
CA ARG B 138 14.57 -12.77 3.17
C ARG B 138 15.07 -14.15 3.55
N GLY B 139 15.93 -14.70 2.69
CA GLY B 139 16.57 -15.99 2.95
C GLY B 139 17.98 -15.99 2.43
N SER B 140 18.89 -16.65 3.15
CA SER B 140 20.30 -16.73 2.71
C SER B 140 20.46 -17.94 1.79
N LEU B 141 21.28 -17.77 0.76
CA LEU B 141 21.75 -18.90 -0.04
C LEU B 141 22.90 -19.59 0.70
N LEU B 142 23.02 -20.91 0.53
CA LEU B 142 24.07 -21.69 1.20
C LEU B 142 25.43 -21.47 0.56
N SER B 143 25.42 -21.15 -0.73
CA SER B 143 26.60 -20.81 -1.50
C SER B 143 26.26 -19.65 -2.43
N PRO B 144 27.20 -18.70 -2.63
CA PRO B 144 26.97 -17.59 -3.56
C PRO B 144 26.62 -18.10 -4.96
N ARG B 145 25.69 -17.43 -5.62
CA ARG B 145 25.14 -17.88 -6.88
C ARG B 145 25.13 -16.75 -7.90
N PRO B 146 25.75 -16.97 -9.08
CA PRO B 146 25.65 -16.04 -10.22
C PRO B 146 24.18 -15.81 -10.55
N ILE B 147 23.80 -14.55 -10.82
CA ILE B 147 22.39 -14.18 -10.98
C ILE B 147 21.70 -14.87 -12.15
N SER B 148 22.46 -15.27 -13.16
CA SER B 148 21.90 -15.93 -14.35
C SER B 148 21.18 -17.24 -14.02
N TYR B 149 21.55 -17.89 -12.92
CA TYR B 149 20.83 -19.10 -12.47
C TYR B 149 19.48 -18.79 -11.79
N LEU B 150 19.28 -17.53 -11.40
CA LEU B 150 18.05 -17.13 -10.73
C LEU B 150 17.09 -16.41 -11.66
N LYS B 151 17.64 -15.67 -12.64
CA LYS B 151 16.86 -14.81 -13.51
C LYS B 151 15.81 -15.62 -14.25
N GLY B 152 14.58 -15.09 -14.29
CA GLY B 152 13.48 -15.78 -14.93
C GLY B 152 12.74 -16.76 -14.02
N SER B 153 13.09 -16.78 -12.73
CA SER B 153 12.40 -17.63 -11.75
C SER B 153 11.54 -16.87 -10.74
N ALA B 154 11.49 -15.53 -10.85
CA ALA B 154 10.60 -14.72 -10.01
C ALA B 154 9.16 -15.17 -10.27
N GLY B 155 8.33 -15.13 -9.22
CA GLY B 155 6.98 -15.66 -9.29
C GLY B 155 6.93 -17.12 -8.88
N GLY B 156 8.10 -17.74 -8.65
CA GLY B 156 8.17 -19.15 -8.28
C GLY B 156 8.09 -19.36 -6.77
N PRO B 157 7.83 -20.61 -6.33
CA PRO B 157 7.62 -20.85 -4.91
C PRO B 157 8.90 -21.06 -4.10
N LEU B 158 8.85 -20.62 -2.85
CA LEU B 158 9.72 -21.13 -1.80
C LEU B 158 8.89 -22.07 -0.97
N LEU B 159 9.41 -23.30 -0.84
CA LEU B 159 8.73 -24.40 -0.17
C LEU B 159 9.45 -24.77 1.12
N CYS B 160 8.69 -25.25 2.09
CA CYS B 160 9.26 -25.81 3.33
C CYS B 160 9.64 -27.31 3.07
N PRO B 161 10.33 -27.99 4.03
CA PRO B 161 10.63 -29.43 3.82
C PRO B 161 9.41 -30.33 3.49
N ALA B 162 8.21 -29.93 3.91
CA ALA B 162 6.99 -30.68 3.62
C ALA B 162 6.32 -30.29 2.30
N GLY B 163 6.91 -29.35 1.57
CA GLY B 163 6.37 -28.92 0.27
C GLY B 163 5.20 -27.96 0.36
N HIS B 164 5.00 -27.35 1.53
CA HIS B 164 4.07 -26.21 1.67
C HIS B 164 4.72 -24.92 1.16
N ALA B 165 3.88 -23.96 0.74
CA ALA B 165 4.38 -22.67 0.28
C ALA B 165 4.71 -21.72 1.43
N VAL B 166 5.93 -21.19 1.40
CA VAL B 166 6.37 -20.19 2.38
C VAL B 166 6.32 -18.78 1.77
N GLY B 167 6.53 -18.70 0.46
CA GLY B 167 6.52 -17.43 -0.25
C GLY B 167 6.72 -17.56 -1.75
N ILE B 168 6.71 -16.40 -2.41
CA ILE B 168 6.88 -16.24 -3.86
C ILE B 168 8.21 -15.49 -4.08
N PHE B 169 9.08 -16.04 -4.92
CA PHE B 169 10.41 -15.45 -5.22
C PHE B 169 10.25 -14.11 -5.94
N ARG B 170 10.91 -13.08 -5.42
CA ARG B 170 10.70 -11.69 -5.89
C ARG B 170 11.99 -11.00 -6.41
N ALA B 171 13.10 -11.16 -5.68
CA ALA B 171 14.36 -10.48 -5.99
C ALA B 171 15.57 -11.21 -5.39
N ALA B 172 16.73 -10.97 -6.00
CA ALA B 172 17.99 -11.57 -5.62
C ALA B 172 18.85 -10.44 -5.06
N VAL B 173 19.33 -10.60 -3.82
CA VAL B 173 20.18 -9.60 -3.17
C VAL B 173 21.59 -9.86 -3.69
N SER B 174 22.07 -8.98 -4.56
CA SER B 174 23.30 -9.27 -5.28
C SER B 174 24.27 -8.11 -5.43
N THR B 175 25.54 -8.50 -5.48
CA THR B 175 26.65 -7.60 -5.69
C THR B 175 27.37 -8.14 -6.92
N ARG B 176 27.53 -7.28 -7.94
CA ARG B 176 28.31 -7.58 -9.18
C ARG B 176 27.95 -8.92 -9.81
N GLY B 177 26.64 -9.17 -9.94
CA GLY B 177 26.13 -10.38 -10.57
C GLY B 177 26.16 -11.64 -9.72
N VAL B 178 26.50 -11.49 -8.44
CA VAL B 178 26.58 -12.62 -7.50
C VAL B 178 25.58 -12.41 -6.36
N ALA B 179 24.60 -13.32 -6.27
CA ALA B 179 23.57 -13.31 -5.24
C ALA B 179 23.98 -14.13 -4.04
N LYS B 180 23.64 -13.60 -2.87
CA LYS B 180 24.00 -14.18 -1.58
C LYS B 180 22.74 -14.50 -0.79
N ALA B 181 21.65 -13.84 -1.17
CA ALA B 181 20.38 -13.94 -0.47
C ALA B 181 19.24 -13.75 -1.47
N VAL B 182 18.04 -14.17 -1.09
CA VAL B 182 16.83 -13.95 -1.87
C VAL B 182 15.74 -13.22 -1.06
N ASP B 183 14.94 -12.45 -1.78
CA ASP B 183 13.79 -11.72 -1.25
C ASP B 183 12.54 -12.37 -1.84
N PHE B 184 11.57 -12.64 -0.98
CA PHE B 184 10.35 -13.30 -1.38
C PHE B 184 9.15 -12.66 -0.71
N ILE B 185 8.00 -12.68 -1.40
CA ILE B 185 6.73 -12.24 -0.83
C ILE B 185 6.24 -13.32 0.13
N PRO B 186 6.13 -13.02 1.44
CA PRO B 186 5.67 -14.12 2.34
C PRO B 186 4.22 -14.53 2.06
N VAL B 187 3.93 -15.81 2.24
CA VAL B 187 2.59 -16.35 1.98
C VAL B 187 1.46 -15.62 2.76
N GLU B 188 1.78 -15.09 3.95
CA GLU B 188 0.86 -14.29 4.75
C GLU B 188 0.46 -12.98 4.09
N SER B 189 1.36 -12.44 3.26
CA SER B 189 1.09 -11.23 2.47
C SER B 189 0.24 -11.43 1.22
N LEU B 190 -0.11 -12.67 0.89
CA LEU B 190 -0.97 -12.91 -0.28
C LEU B 190 -2.43 -12.58 0.11
N GLU B 191 -2.70 -11.28 0.18
CA GLU B 191 -3.94 -10.70 0.67
C GLU B 191 -5.07 -10.92 -0.31
N THR B 192 -6.10 -11.66 0.12
CA THR B 192 -7.29 -11.84 -0.72
C THR B 192 -8.53 -11.20 -0.11
N THR B 193 -9.56 -10.98 -0.92
CA THR B 193 -10.83 -10.44 -0.43
C THR B 193 -11.93 -11.39 -0.83
N MET B 194 -13.00 -11.45 -0.03
CA MET B 194 -14.13 -12.33 -0.29
C MET B 194 -14.84 -11.95 -1.59
N ARG B 195 -14.94 -10.65 -1.83
CA ARG B 195 -15.68 -10.10 -2.95
C ARG B 195 -14.83 -9.11 -3.73
N SER B 196 -15.32 -8.80 -4.92
CA SER B 196 -14.68 -7.85 -5.81
C SER B 196 -15.78 -7.01 -6.45
N PRO B 197 -15.52 -5.72 -6.71
CA PRO B 197 -16.56 -4.93 -7.34
C PRO B 197 -16.81 -5.39 -8.77
N SER C 2 27.62 -25.85 12.09
CA SER C 2 26.82 -26.68 13.03
C SER C 2 26.87 -26.12 14.45
N ASP C 3 28.01 -26.28 15.13
CA ASP C 3 28.20 -25.80 16.50
C ASP C 3 29.25 -24.67 16.56
N GLU C 4 30.53 -25.05 16.76
CA GLU C 4 31.66 -24.10 16.73
C GLU C 4 32.19 -23.93 15.30
N GLU C 5 31.63 -24.71 14.37
CA GLU C 5 31.93 -24.59 12.94
C GLU C 5 31.37 -23.30 12.38
N GLU C 6 30.27 -22.84 12.97
CA GLU C 6 29.63 -21.57 12.61
C GLU C 6 30.40 -20.35 13.12
N ALA C 7 31.07 -20.51 14.26
CA ALA C 7 31.92 -19.45 14.81
C ALA C 7 33.19 -19.21 13.99
N ARG C 8 33.81 -20.30 13.52
CA ARG C 8 34.98 -20.26 12.62
C ARG C 8 34.63 -19.67 11.25
N GLU C 9 33.42 -20.01 10.77
CA GLU C 9 32.87 -19.51 9.52
C GLU C 9 32.69 -17.99 9.56
N LEU C 10 32.24 -17.50 10.72
CA LEU C 10 32.05 -16.07 10.95
C LEU C 10 33.38 -15.32 11.06
N ILE C 11 34.39 -15.95 11.67
CA ILE C 11 35.75 -15.40 11.74
C ILE C 11 36.30 -15.21 10.32
N GLU C 12 36.13 -16.24 9.49
CA GLU C 12 36.61 -16.23 8.09
C GLU C 12 35.91 -15.19 7.21
N ARG C 13 34.63 -14.92 7.49
CA ARG C 13 33.90 -13.85 6.82
C ARG C 13 34.45 -12.48 7.25
N ALA C 14 34.68 -12.33 8.56
CA ALA C 14 35.26 -11.10 9.14
C ALA C 14 36.64 -10.78 8.56
N LYS C 15 37.49 -11.79 8.43
CA LYS C 15 38.85 -11.63 7.88
C LYS C 15 38.85 -11.28 6.39
N GLU C 16 37.91 -11.85 5.64
CA GLU C 16 37.76 -11.52 4.21
C GLU C 16 37.16 -10.14 4.02
N ALA C 17 36.18 -9.79 4.85
CA ALA C 17 35.66 -8.42 4.93
C ALA C 17 36.77 -7.43 5.29
N ALA C 18 37.62 -7.79 6.26
CA ALA C 18 38.80 -7.00 6.64
C ALA C 18 39.75 -6.77 5.47
N GLU C 19 40.06 -7.85 4.74
CA GLU C 19 40.92 -7.78 3.56
C GLU C 19 40.34 -6.92 2.43
N ARG C 20 39.05 -7.13 2.11
CA ARG C 20 38.37 -6.31 1.10
C ARG C 20 38.38 -4.81 1.47
N ALA C 21 38.11 -4.51 2.74
CA ALA C 21 38.22 -3.15 3.27
C ALA C 21 39.63 -2.57 3.12
N GLN C 22 40.65 -3.38 3.42
CA GLN C 22 42.06 -3.01 3.21
C GLN C 22 42.34 -2.69 1.74
N GLU C 23 41.90 -3.58 0.84
CA GLU C 23 42.04 -3.39 -0.62
C GLU C 23 41.36 -2.12 -1.13
N ALA C 24 40.21 -1.77 -0.56
CA ALA C 24 39.49 -0.54 -0.89
C ALA C 24 40.24 0.70 -0.38
N ALA C 25 40.87 0.58 0.79
CA ALA C 25 41.68 1.66 1.41
C ALA C 25 42.89 2.03 0.56
N GLU C 26 43.51 1.02 -0.06
CA GLU C 26 44.69 1.19 -0.89
C GLU C 26 44.36 1.66 -2.31
N ARG C 27 43.42 0.97 -2.97
CA ARG C 27 43.02 1.26 -4.36
C ARG C 27 42.61 2.70 -4.60
N THR C 28 41.93 3.32 -3.64
CA THR C 28 41.34 4.65 -3.82
C THR C 28 42.35 5.79 -3.65
N GLY C 29 42.18 6.83 -4.46
CA GLY C 29 42.95 8.06 -4.33
C GLY C 29 42.14 9.13 -3.61
N ASP C 30 41.56 8.74 -2.47
CA ASP C 30 40.66 9.59 -1.69
C ASP C 30 40.86 9.36 -0.18
N PRO C 31 41.18 10.43 0.58
CA PRO C 31 41.29 10.32 2.04
C PRO C 31 39.95 10.08 2.77
N ARG C 32 38.84 10.45 2.13
CA ARG C 32 37.50 10.23 2.69
C ARG C 32 37.08 8.76 2.64
N VAL C 33 37.42 8.09 1.53
CA VAL C 33 37.16 6.65 1.37
C VAL C 33 38.11 5.83 2.25
N ARG C 34 39.40 6.18 2.22
CA ARG C 34 40.45 5.50 3.01
C ARG C 34 40.02 5.36 4.47
N GLU C 35 39.61 6.48 5.08
CA GLU C 35 39.19 6.50 6.48
C GLU C 35 37.96 5.64 6.78
N LEU C 36 36.99 5.63 5.87
CA LEU C 36 35.81 4.75 5.98
C LEU C 36 36.21 3.29 5.87
N ALA C 37 37.07 2.99 4.89
CA ALA C 37 37.58 1.64 4.66
C ALA C 37 38.39 1.13 5.85
N ARG C 38 39.19 2.01 6.47
CA ARG C 38 39.95 1.67 7.67
C ARG C 38 39.04 1.37 8.86
N GLU C 39 37.98 2.17 9.00
CA GLU C 39 36.97 1.95 10.05
C GLU C 39 36.22 0.63 9.89
N LEU C 40 35.93 0.26 8.65
CA LEU C 40 35.28 -1.01 8.32
C LEU C 40 36.18 -2.20 8.64
N LYS C 41 37.47 -2.09 8.27
CA LYS C 41 38.48 -3.10 8.61
C LYS C 41 38.61 -3.25 10.12
N ARG C 42 38.61 -2.11 10.84
CA ARG C 42 38.71 -2.07 12.30
C ARG C 42 37.55 -2.81 12.97
N LEU C 43 36.32 -2.53 12.51
CA LEU C 43 35.13 -3.21 13.02
C LEU C 43 35.12 -4.70 12.67
N ALA C 44 35.69 -5.06 11.51
CA ALA C 44 35.80 -6.46 11.08
C ALA C 44 36.74 -7.27 11.99
N GLN C 45 37.88 -6.65 12.34
CA GLN C 45 38.90 -7.29 13.17
C GLN C 45 38.46 -7.43 14.62
N GLU C 46 37.78 -6.40 15.14
CA GLU C 46 37.18 -6.41 16.48
C GLU C 46 36.02 -7.41 16.60
N ALA C 47 35.30 -7.63 15.50
CA ALA C 47 34.27 -8.66 15.43
C ALA C 47 34.86 -10.06 15.43
N ALA C 48 35.95 -10.24 14.68
CA ALA C 48 36.68 -11.51 14.60
C ALA C 48 37.28 -11.90 15.97
N GLU C 49 37.79 -10.89 16.68
CA GLU C 49 38.36 -11.06 18.02
C GLU C 49 37.34 -11.39 19.11
N GLU C 50 36.16 -10.77 19.01
CA GLU C 50 35.05 -11.02 19.97
C GLU C 50 34.39 -12.39 19.79
N VAL C 51 34.45 -12.93 18.57
CA VAL C 51 34.03 -14.32 18.32
C VAL C 51 35.05 -15.28 18.95
N LYS C 52 36.34 -14.92 18.88
CA LYS C 52 37.42 -15.73 19.47
C LYS C 52 37.41 -15.76 21.01
N ARG C 53 36.89 -14.70 21.64
CA ARG C 53 36.65 -14.65 23.09
C ARG C 53 35.52 -15.59 23.53
N ASP C 54 34.44 -15.63 22.75
CA ASP C 54 33.30 -16.51 23.02
C ASP C 54 33.03 -17.48 21.85
N PRO C 55 33.91 -18.49 21.65
CA PRO C 55 33.78 -19.35 20.46
C PRO C 55 32.59 -20.34 20.52
N SER C 56 32.30 -20.85 21.72
CA SER C 56 31.18 -21.77 21.95
C SER C 56 30.00 -21.04 22.61
N SER C 57 29.67 -19.86 22.07
CA SER C 57 28.57 -19.03 22.58
C SER C 57 27.51 -18.80 21.50
N SER C 58 26.38 -19.50 21.65
CA SER C 58 25.27 -19.42 20.70
C SER C 58 24.48 -18.10 20.79
N ASP C 59 24.50 -17.48 21.98
CA ASP C 59 23.69 -16.30 22.30
C ASP C 59 24.11 -15.04 21.54
N VAL C 60 25.29 -14.51 21.87
CA VAL C 60 25.77 -13.22 21.36
C VAL C 60 26.26 -13.28 19.90
N ASN C 61 26.44 -14.50 19.37
CA ASN C 61 26.91 -14.72 17.99
C ASN C 61 25.92 -14.31 16.87
N GLU C 62 24.69 -13.94 17.24
CA GLU C 62 23.70 -13.42 16.29
C GLU C 62 23.78 -11.90 16.10
N ALA C 63 24.08 -11.18 17.18
CA ALA C 63 24.32 -9.73 17.11
C ALA C 63 25.61 -9.41 16.34
N LEU C 64 26.61 -10.30 16.47
CA LEU C 64 27.87 -10.19 15.73
C LEU C 64 27.74 -10.67 14.27
N LYS C 65 26.77 -11.55 14.01
CA LYS C 65 26.43 -11.95 12.64
C LYS C 65 25.88 -10.74 11.86
N LEU C 66 25.02 -9.94 12.50
CA LEU C 66 24.49 -8.71 11.90
C LEU C 66 25.59 -7.67 11.64
N ILE C 67 26.53 -7.52 12.58
CA ILE C 67 27.67 -6.61 12.41
C ILE C 67 28.54 -6.99 11.19
N VAL C 68 28.87 -8.27 11.08
CA VAL C 68 29.64 -8.79 9.93
C VAL C 68 28.87 -8.60 8.62
N GLU C 69 27.57 -8.83 8.62
CA GLU C 69 26.69 -8.56 7.48
C GLU C 69 26.73 -7.10 7.10
N ALA C 70 26.54 -6.23 8.09
CA ALA C 70 26.61 -4.77 7.89
C ALA C 70 27.92 -4.35 7.23
N ILE C 71 29.04 -4.88 7.72
CA ILE C 71 30.37 -4.54 7.22
C ILE C 71 30.53 -4.99 5.78
N GLU C 72 30.15 -6.24 5.48
CA GLU C 72 30.18 -6.79 4.12
C GLU C 72 29.39 -5.95 3.12
N ALA C 73 28.21 -5.48 3.53
CA ALA C 73 27.33 -4.69 2.69
C ALA C 73 27.92 -3.28 2.49
N ALA C 74 28.44 -2.70 3.59
CA ALA C 74 29.08 -1.37 3.57
C ALA C 74 30.31 -1.32 2.66
N VAL C 75 31.10 -2.40 2.67
CA VAL C 75 32.25 -2.55 1.77
C VAL C 75 31.79 -2.65 0.33
N ASP C 76 30.77 -3.48 0.05
CA ASP C 76 30.11 -3.51 -1.26
C ASP C 76 29.69 -2.12 -1.71
N ALA C 77 29.07 -1.35 -0.81
CA ALA C 77 28.61 0.00 -1.10
C ALA C 77 29.78 0.94 -1.43
N LEU C 78 30.86 0.78 -0.66
CA LEU C 78 32.08 1.55 -0.89
C LEU C 78 32.71 1.22 -2.24
N GLU C 79 32.78 -0.07 -2.59
CA GLU C 79 33.31 -0.48 -3.91
C GLU C 79 32.47 0.10 -5.06
N ALA C 80 31.15 0.09 -4.89
CA ALA C 80 30.23 0.63 -5.89
C ALA C 80 30.33 2.17 -6.01
N ALA C 81 30.50 2.85 -4.88
CA ALA C 81 30.73 4.30 -4.84
C ALA C 81 31.99 4.68 -5.62
N GLU C 82 33.04 3.88 -5.45
CA GLU C 82 34.30 4.04 -6.15
C GLU C 82 34.14 3.98 -7.67
N ARG C 83 33.23 3.13 -8.15
CA ARG C 83 32.98 3.00 -9.60
C ARG C 83 31.83 3.92 -10.08
N THR C 84 31.39 4.87 -9.25
CA THR C 84 30.30 5.82 -9.61
C THR C 84 30.84 7.14 -10.15
N GLY C 85 30.39 7.51 -11.36
CA GLY C 85 30.90 8.69 -12.09
C GLY C 85 30.53 10.05 -11.51
N ASP C 86 29.33 10.16 -10.96
CA ASP C 86 28.76 11.42 -10.48
C ASP C 86 29.15 11.64 -9.02
N PRO C 87 29.84 12.78 -8.74
CA PRO C 87 30.32 13.05 -7.38
C PRO C 87 29.20 13.26 -6.34
N GLU C 88 28.05 13.78 -6.77
CA GLU C 88 26.89 13.95 -5.90
C GLU C 88 26.40 12.58 -5.35
N VAL C 89 26.24 11.61 -6.25
CA VAL C 89 25.85 10.24 -5.89
C VAL C 89 26.96 9.60 -5.02
N ARG C 90 28.22 9.82 -5.40
CA ARG C 90 29.34 9.29 -4.64
C ARG C 90 29.24 9.80 -3.20
N GLU C 91 29.19 11.12 -3.05
CA GLU C 91 29.07 11.74 -1.73
C GLU C 91 27.91 11.15 -0.93
N LEU C 92 26.77 10.91 -1.59
CA LEU C 92 25.60 10.36 -0.91
C LEU C 92 25.87 8.93 -0.44
N ALA C 93 26.51 8.14 -1.31
CA ALA C 93 26.86 6.74 -0.99
C ALA C 93 27.83 6.65 0.19
N ARG C 94 28.86 7.49 0.20
CA ARG C 94 29.82 7.58 1.30
C ARG C 94 29.14 7.95 2.62
N GLU C 95 28.15 8.83 2.57
CA GLU C 95 27.39 9.19 3.76
C GLU C 95 26.56 8.05 4.33
N LEU C 96 26.03 7.21 3.45
CA LEU C 96 25.31 6.01 3.87
C LEU C 96 26.23 5.00 4.57
N VAL C 97 27.42 4.79 4.00
CA VAL C 97 28.47 3.96 4.58
C VAL C 97 28.88 4.50 5.97
N ARG C 98 29.07 5.81 6.07
CA ARG C 98 29.40 6.49 7.33
C ARG C 98 28.35 6.21 8.39
N LEU C 99 27.06 6.30 8.00
CA LEU C 99 25.94 6.09 8.91
C LEU C 99 25.85 4.62 9.35
N ALA C 100 26.23 3.72 8.44
CA ALA C 100 26.33 2.29 8.73
C ALA C 100 27.41 1.98 9.76
N VAL C 101 28.59 2.60 9.61
CA VAL C 101 29.70 2.49 10.58
C VAL C 101 29.21 2.89 11.99
N GLU C 102 28.60 4.08 12.09
CA GLU C 102 28.01 4.57 13.35
C GLU C 102 26.94 3.63 13.94
N ALA C 103 26.07 3.08 13.10
CA ALA C 103 25.03 2.16 13.58
C ALA C 103 25.60 0.83 14.04
N ALA C 104 26.67 0.37 13.37
CA ALA C 104 27.41 -0.84 13.77
C ALA C 104 28.09 -0.68 15.14
N GLU C 105 28.71 0.48 15.36
CA GLU C 105 29.34 0.83 16.64
C GLU C 105 28.33 0.86 17.77
N GLU C 106 27.15 1.44 17.51
CA GLU C 106 26.02 1.46 18.46
C GLU C 106 25.57 0.05 18.85
N VAL C 107 25.46 -0.87 17.88
CA VAL C 107 25.11 -2.27 18.14
C VAL C 107 26.17 -2.93 19.04
N GLN C 108 27.45 -2.67 18.75
CA GLN C 108 28.56 -3.27 19.49
C GLN C 108 28.63 -2.79 20.94
N ARG C 109 28.24 -1.52 21.13
CA ARG C 109 28.23 -0.85 22.43
C ARG C 109 26.96 -1.17 23.25
N ASN C 110 25.94 -1.71 22.57
CA ASN C 110 24.65 -2.01 23.21
C ASN C 110 23.86 -3.17 22.53
N PRO C 111 24.46 -4.39 22.48
CA PRO C 111 23.95 -5.49 21.62
C PRO C 111 22.54 -6.03 21.90
N SER C 112 21.97 -5.72 23.06
CA SER C 112 20.66 -6.26 23.47
C SER C 112 19.47 -5.34 23.19
N SER C 113 19.76 -4.08 22.83
CA SER C 113 18.72 -3.10 22.52
C SER C 113 18.10 -3.37 21.15
N SER C 114 16.78 -3.51 21.12
CA SER C 114 16.04 -3.78 19.88
C SER C 114 15.96 -2.55 18.96
N ASP C 115 15.99 -1.35 19.54
CA ASP C 115 16.00 -0.07 18.81
C ASP C 115 17.30 0.12 18.04
N VAL C 116 18.41 -0.19 18.70
CA VAL C 116 19.74 -0.07 18.14
C VAL C 116 19.98 -1.10 17.03
N ASN C 117 19.45 -2.31 17.24
CA ASN C 117 19.48 -3.38 16.24
C ASN C 117 18.60 -3.10 15.03
N GLU C 118 17.45 -2.46 15.24
CA GLU C 118 16.55 -2.09 14.14
C GLU C 118 17.14 -1.03 13.22
N ALA C 119 17.76 -0.01 13.82
CA ALA C 119 18.45 1.05 13.10
C ALA C 119 19.54 0.52 12.14
N LEU C 120 20.36 -0.42 12.64
CA LEU C 120 21.36 -1.06 11.78
C LEU C 120 20.71 -1.86 10.64
N HIS C 121 19.72 -2.69 10.98
CA HIS C 121 18.94 -3.47 10.00
C HIS C 121 18.36 -2.60 8.86
N SER C 122 17.79 -1.44 9.22
CA SER C 122 17.22 -0.50 8.25
C SER C 122 18.27 0.10 7.31
N ILE C 123 19.46 0.36 7.86
CA ILE C 123 20.57 0.89 7.07
C ILE C 123 21.09 -0.16 6.08
N VAL C 124 21.21 -1.40 6.53
CA VAL C 124 21.65 -2.52 5.71
C VAL C 124 20.64 -2.77 4.56
N TYR C 125 19.36 -2.75 4.88
CA TYR C 125 18.29 -2.78 3.90
C TYR C 125 18.49 -1.68 2.82
N ALA C 126 18.71 -0.45 3.29
CA ALA C 126 18.91 0.71 2.40
C ALA C 126 20.17 0.58 1.54
N ILE C 127 21.27 0.12 2.15
CA ILE C 127 22.55 -0.17 1.46
C ILE C 127 22.42 -1.18 0.31
N GLU C 128 21.69 -2.27 0.55
CA GLU C 128 21.39 -3.27 -0.49
C GLU C 128 20.62 -2.67 -1.67
N ALA C 129 19.66 -1.80 -1.37
CA ALA C 129 18.92 -1.05 -2.40
C ALA C 129 19.88 -0.10 -3.13
N ALA C 130 20.75 0.58 -2.37
CA ALA C 130 21.71 1.53 -2.98
C ALA C 130 22.69 0.83 -3.93
N ILE C 131 23.19 -0.33 -3.52
CA ILE C 131 24.13 -1.14 -4.32
C ILE C 131 23.49 -1.54 -5.66
N PHE C 132 22.24 -1.98 -5.63
CA PHE C 132 21.52 -2.25 -6.88
C PHE C 132 21.45 -0.99 -7.76
N ALA C 133 21.07 0.13 -7.16
CA ALA C 133 20.93 1.39 -7.88
C ALA C 133 22.27 1.89 -8.48
N LEU C 134 23.32 1.94 -7.66
CA LEU C 134 24.63 2.40 -8.14
C LEU C 134 25.20 1.52 -9.23
N GLU C 135 25.06 0.20 -9.05
CA GLU C 135 25.51 -0.76 -10.05
C GLU C 135 24.71 -0.67 -11.36
N ALA C 136 23.41 -0.40 -11.28
CA ALA C 136 22.62 -0.19 -12.49
C ALA C 136 23.06 1.10 -13.24
N ALA C 137 23.34 2.17 -12.48
CA ALA C 137 23.82 3.45 -13.07
C ALA C 137 25.14 3.27 -13.83
N GLU C 138 26.05 2.50 -13.27
CA GLU C 138 27.34 2.26 -13.91
C GLU C 138 27.23 1.31 -15.11
N ARG C 139 26.47 0.24 -14.97
CA ARG C 139 26.25 -0.70 -16.05
C ARG C 139 25.60 -0.03 -17.28
N THR C 140 24.57 0.79 -17.06
CA THR C 140 23.84 1.44 -18.15
C THR C 140 24.47 2.72 -18.67
N GLY C 141 25.23 3.43 -17.82
CA GLY C 141 25.74 4.79 -18.09
C GLY C 141 24.64 5.80 -18.34
N ASP C 142 23.41 5.48 -17.92
CA ASP C 142 22.22 6.22 -18.35
C ASP C 142 21.90 7.35 -17.36
N PRO C 143 21.58 8.55 -17.86
CA PRO C 143 21.32 9.70 -16.98
C PRO C 143 20.07 9.53 -16.11
N GLU C 144 19.03 8.91 -16.65
CA GLU C 144 17.81 8.69 -15.89
C GLU C 144 18.03 7.70 -14.74
N VAL C 145 18.78 6.63 -15.01
CA VAL C 145 19.14 5.65 -13.98
C VAL C 145 20.03 6.29 -12.93
N ARG C 146 20.94 7.17 -13.36
CA ARG C 146 21.74 7.97 -12.41
C ARG C 146 20.85 8.82 -11.47
N GLU C 147 19.89 9.56 -12.02
CA GLU C 147 19.00 10.43 -11.20
C GLU C 147 18.13 9.62 -10.24
N LEU C 148 17.69 8.44 -10.69
CA LEU C 148 16.92 7.53 -9.83
C LEU C 148 17.80 6.98 -8.69
N ALA C 149 19.05 6.63 -9.00
CA ALA C 149 20.03 6.20 -8.01
C ALA C 149 20.32 7.29 -6.97
N ARG C 150 20.50 8.53 -7.45
CA ARG C 150 20.59 9.69 -6.58
C ARG C 150 19.38 9.83 -5.62
N GLU C 151 18.18 9.80 -6.18
CA GLU C 151 16.93 9.89 -5.40
C GLU C 151 16.88 8.79 -4.30
N LEU C 152 17.23 7.56 -4.67
CA LEU C 152 17.24 6.44 -3.74
C LEU C 152 18.22 6.66 -2.57
N VAL C 153 19.46 6.99 -2.88
CA VAL C 153 20.50 7.17 -1.83
C VAL C 153 20.19 8.38 -0.94
N ARG C 154 19.69 9.46 -1.54
CA ARG C 154 19.26 10.64 -0.79
C ARG C 154 18.18 10.27 0.23
N LEU C 155 17.22 9.48 -0.24
CA LEU C 155 16.14 8.97 0.60
C LEU C 155 16.67 8.12 1.75
N ALA C 156 17.60 7.22 1.44
CA ALA C 156 18.22 6.33 2.42
C ALA C 156 18.96 7.12 3.50
N VAL C 157 19.74 8.12 3.10
CA VAL C 157 20.47 8.99 4.03
C VAL C 157 19.49 9.75 4.93
N GLU C 158 18.47 10.35 4.32
CA GLU C 158 17.40 11.09 5.05
C GLU C 158 16.78 10.23 6.14
N ALA C 159 16.40 9.00 5.79
CA ALA C 159 15.78 8.06 6.72
C ALA C 159 16.67 7.68 7.90
N ALA C 160 17.93 7.35 7.62
CA ALA C 160 18.90 6.95 8.64
C ALA C 160 19.20 8.07 9.66
N GLU C 161 19.22 9.30 9.18
CA GLU C 161 19.48 10.47 10.01
C GLU C 161 18.30 10.85 10.91
N GLU C 162 17.09 10.65 10.40
CA GLU C 162 15.87 10.83 11.21
C GLU C 162 15.70 9.75 12.27
N VAL C 163 16.05 8.51 11.92
CA VAL C 163 16.03 7.35 12.82
C VAL C 163 17.09 7.51 13.92
N ASN C 171 6.96 2.56 5.26
CA ASN C 171 6.84 3.59 4.24
C ASN C 171 8.15 3.85 3.50
N VAL C 172 9.25 3.82 4.24
CA VAL C 172 10.58 4.07 3.66
C VAL C 172 11.07 2.90 2.78
N GLU C 173 10.80 1.68 3.23
CA GLU C 173 10.97 0.45 2.42
C GLU C 173 10.14 0.47 1.13
N HIS C 174 8.86 0.86 1.22
CA HIS C 174 8.08 1.07 0.00
C HIS C 174 8.67 2.12 -0.95
N ALA C 175 9.14 3.25 -0.39
CA ALA C 175 9.71 4.34 -1.16
C ALA C 175 11.01 3.94 -1.86
N LEU C 176 11.82 3.11 -1.21
CA LEU C 176 13.06 2.62 -1.83
C LEU C 176 12.76 1.62 -2.97
N MET C 177 11.81 0.72 -2.72
CA MET C 177 11.44 -0.34 -3.68
C MET C 177 10.79 0.20 -4.95
N ARG C 178 10.01 1.27 -4.78
CA ARG C 178 9.41 2.02 -5.88
C ARG C 178 10.49 2.49 -6.89
N ILE C 179 11.61 3.00 -6.37
CA ILE C 179 12.74 3.44 -7.21
C ILE C 179 13.47 2.25 -7.84
N VAL C 180 13.64 1.17 -7.08
CA VAL C 180 14.25 -0.06 -7.59
C VAL C 180 13.48 -0.52 -8.83
N LEU C 181 12.16 -0.59 -8.72
CA LEU C 181 11.31 -0.97 -9.84
C LEU C 181 11.51 -0.04 -11.01
N ALA C 182 11.51 1.28 -10.75
CA ALA C 182 11.66 2.26 -11.82
C ALA C 182 13.01 2.07 -12.52
N ILE C 183 14.05 1.82 -11.73
CA ILE C 183 15.40 1.58 -12.27
C ILE C 183 15.41 0.32 -13.14
N TYR C 184 14.87 -0.76 -12.57
CA TYR C 184 14.74 -2.01 -13.27
C TYR C 184 14.07 -1.88 -14.64
N LEU C 185 12.93 -1.20 -14.68
CA LEU C 185 12.18 -1.02 -15.93
C LEU C 185 12.94 -0.13 -16.92
N ALA C 186 13.63 0.89 -16.40
CA ALA C 186 14.46 1.76 -17.23
C ALA C 186 15.60 0.96 -17.89
N GLU C 187 16.28 0.14 -17.10
CA GLU C 187 17.31 -0.74 -17.62
C GLU C 187 16.74 -1.72 -18.68
N GLU C 188 15.61 -2.37 -18.38
CA GLU C 188 14.95 -3.23 -19.38
C GLU C 188 14.57 -2.54 -20.68
N ASN C 189 14.12 -1.28 -20.61
CA ASN C 189 13.76 -0.53 -21.80
C ASN C 189 14.98 -0.19 -22.67
N LEU C 190 16.17 -0.13 -22.06
CA LEU C 190 17.43 0.12 -22.77
C LEU C 190 17.93 -1.09 -23.57
N ARG C 191 17.64 -2.30 -23.08
CA ARG C 191 17.87 -3.55 -23.83
C ARG C 191 17.29 -3.55 -25.25
N GLU C 192 16.07 -2.98 -25.37
CA GLU C 192 15.31 -2.91 -26.63
C GLU C 192 16.06 -2.25 -27.79
N SER D 2 -16.46 33.88 10.87
CA SER D 2 -15.48 34.87 10.37
C SER D 2 -14.38 35.13 11.42
N ASP D 3 -14.73 35.88 12.48
CA ASP D 3 -13.80 36.22 13.57
C ASP D 3 -14.23 35.55 14.89
N GLU D 4 -15.02 36.27 15.69
CA GLU D 4 -15.62 35.76 16.94
C GLU D 4 -16.96 35.08 16.66
N GLU D 5 -17.40 35.14 15.40
CA GLU D 5 -18.58 34.44 14.90
C GLU D 5 -18.36 32.94 14.89
N GLU D 6 -17.09 32.54 14.71
CA GLU D 6 -16.68 31.13 14.75
C GLU D 6 -16.64 30.56 16.17
N ALA D 7 -16.34 31.42 17.15
CA ALA D 7 -16.34 31.03 18.55
C ALA D 7 -17.76 30.78 19.09
N ARG D 8 -18.70 31.63 18.69
CA ARG D 8 -20.13 31.48 19.02
C ARG D 8 -20.75 30.24 18.38
N GLU D 9 -20.32 29.97 17.14
CA GLU D 9 -20.73 28.81 16.36
C GLU D 9 -20.31 27.52 17.03
N LEU D 10 -19.10 27.52 17.59
CA LEU D 10 -18.55 26.38 18.33
C LEU D 10 -19.26 26.15 19.66
N ILE D 11 -19.63 27.25 20.35
CA ILE D 11 -20.43 27.16 21.58
C ILE D 11 -21.78 26.49 21.29
N GLU D 12 -22.42 26.91 20.20
CA GLU D 12 -23.72 26.38 19.80
C GLU D 12 -23.69 24.90 19.39
N ARG D 13 -22.57 24.47 18.80
CA ARG D 13 -22.35 23.05 18.50
C ARG D 13 -22.16 22.26 19.78
N ALA D 14 -21.38 22.81 20.72
CA ALA D 14 -21.12 22.20 22.04
C ALA D 14 -22.40 22.00 22.83
N LYS D 15 -23.28 23.01 22.83
CA LYS D 15 -24.57 22.95 23.55
C LYS D 15 -25.54 21.95 22.95
N GLU D 16 -25.54 21.82 21.62
CA GLU D 16 -26.36 20.83 20.92
C GLU D 16 -25.83 19.42 21.13
N ALA D 17 -24.49 19.29 21.07
CA ALA D 17 -23.81 18.05 21.45
C ALA D 17 -24.12 17.66 22.90
N ALA D 18 -24.09 18.64 23.81
CA ALA D 18 -24.48 18.46 25.22
C ALA D 18 -25.91 17.95 25.36
N GLU D 19 -26.85 18.58 24.64
CA GLU D 19 -28.26 18.16 24.63
C GLU D 19 -28.47 16.76 24.07
N ARG D 20 -27.83 16.44 22.92
CA ARG D 20 -27.91 15.09 22.32
C ARG D 20 -27.37 14.03 23.30
N ALA D 21 -26.24 14.33 23.95
CA ALA D 21 -25.68 13.47 25.00
C ALA D 21 -26.65 13.26 26.17
N GLN D 22 -27.30 14.34 26.61
CA GLN D 22 -28.35 14.30 27.64
C GLN D 22 -29.51 13.40 27.20
N GLU D 23 -30.00 13.58 25.98
CA GLU D 23 -31.07 12.75 25.40
C GLU D 23 -30.72 11.26 25.33
N ALA D 24 -29.45 10.96 25.03
CA ALA D 24 -28.96 9.58 25.01
C ALA D 24 -28.88 8.99 26.42
N ALA D 25 -28.52 9.83 27.40
CA ALA D 25 -28.45 9.44 28.82
C ALA D 25 -29.80 9.04 29.40
N GLU D 26 -30.85 9.73 28.97
CA GLU D 26 -32.22 9.49 29.43
C GLU D 26 -32.89 8.32 28.69
N ARG D 27 -32.83 8.33 27.37
CA ARG D 27 -33.47 7.30 26.52
C ARG D 27 -33.07 5.86 26.87
N THR D 28 -31.81 5.64 27.24
CA THR D 28 -31.28 4.30 27.44
C THR D 28 -31.63 3.71 28.81
N GLY D 29 -31.88 2.40 28.82
CA GLY D 29 -32.09 1.65 30.06
C GLY D 29 -30.83 0.92 30.47
N ASP D 30 -29.72 1.65 30.50
CA ASP D 30 -28.39 1.10 30.76
C ASP D 30 -27.53 2.10 31.56
N PRO D 31 -27.01 1.66 32.74
CA PRO D 31 -26.09 2.50 33.53
C PRO D 31 -24.71 2.71 32.88
N ARG D 32 -24.31 1.79 31.99
CA ARG D 32 -23.03 1.89 31.28
C ARG D 32 -23.06 2.97 30.20
N VAL D 33 -24.18 3.07 29.49
CA VAL D 33 -24.41 4.11 28.48
C VAL D 33 -24.61 5.49 29.14
N ARG D 34 -25.46 5.53 30.17
CA ARG D 34 -25.76 6.75 30.92
C ARG D 34 -24.48 7.47 31.32
N GLU D 35 -23.57 6.75 31.97
CA GLU D 35 -22.30 7.33 32.43
C GLU D 35 -21.40 7.84 31.31
N LEU D 36 -21.37 7.14 30.18
CA LEU D 36 -20.63 7.61 28.99
C LEU D 36 -21.26 8.86 28.42
N ALA D 37 -22.60 8.84 28.31
CA ALA D 37 -23.35 9.97 27.80
C ALA D 37 -23.19 11.22 28.70
N ARG D 38 -23.16 11.00 30.03
CA ARG D 38 -22.90 12.08 31.00
C ARG D 38 -21.51 12.67 30.85
N GLU D 39 -20.52 11.81 30.65
CA GLU D 39 -19.14 12.22 30.40
C GLU D 39 -18.98 13.05 29.12
N LEU D 40 -19.72 12.66 28.07
CA LEU D 40 -19.75 13.39 26.80
C LEU D 40 -20.38 14.78 26.96
N LYS D 41 -21.49 14.84 27.69
CA LYS D 41 -22.15 16.11 28.03
C LYS D 41 -21.20 17.01 28.84
N ARG D 42 -20.49 16.42 29.80
CA ARG D 42 -19.52 17.11 30.66
C ARG D 42 -18.40 17.75 29.84
N LEU D 43 -17.83 16.96 28.92
CA LEU D 43 -16.79 17.48 28.02
C LEU D 43 -17.31 18.54 27.05
N ALA D 44 -18.59 18.44 26.66
CA ALA D 44 -19.23 19.44 25.79
C ALA D 44 -19.38 20.79 26.50
N GLN D 45 -19.80 20.74 27.76
CA GLN D 45 -20.03 21.93 28.57
C GLN D 45 -18.73 22.62 28.97
N GLU D 46 -17.71 21.82 29.29
CA GLU D 46 -16.36 22.31 29.59
C GLU D 46 -15.66 22.90 28.36
N ALA D 47 -15.98 22.38 27.17
CA ALA D 47 -15.51 22.96 25.91
C ALA D 47 -16.19 24.30 25.62
N ALA D 48 -17.50 24.38 25.87
CA ALA D 48 -18.27 25.59 25.70
C ALA D 48 -17.80 26.71 26.65
N GLU D 49 -17.45 26.32 27.88
CA GLU D 49 -16.95 27.26 28.91
C GLU D 49 -15.54 27.78 28.64
N GLU D 50 -14.67 26.91 28.09
CA GLU D 50 -13.30 27.29 27.72
C GLU D 50 -13.23 28.20 26.49
N VAL D 51 -14.22 28.09 25.61
CA VAL D 51 -14.38 29.04 24.49
C VAL D 51 -14.80 30.40 25.04
N LYS D 52 -15.66 30.40 26.06
CA LYS D 52 -16.14 31.63 26.70
C LYS D 52 -15.08 32.39 27.50
N ARG D 53 -14.08 31.66 28.02
CA ARG D 53 -12.90 32.25 28.66
C ARG D 53 -11.97 32.96 27.66
N ASP D 54 -11.78 32.34 26.49
CA ASP D 54 -10.96 32.90 25.41
C ASP D 54 -11.76 33.06 24.11
N PRO D 55 -12.68 34.06 24.06
CA PRO D 55 -13.59 34.17 22.90
C PRO D 55 -12.91 34.68 21.63
N SER D 56 -11.95 35.59 21.78
CA SER D 56 -11.17 36.15 20.67
C SER D 56 -9.77 35.52 20.60
N SER D 57 -9.72 34.19 20.73
CA SER D 57 -8.48 33.43 20.69
C SER D 57 -8.51 32.41 19.54
N SER D 58 -7.78 32.73 18.46
CA SER D 58 -7.70 31.89 17.27
C SER D 58 -6.87 30.61 17.49
N ASP D 59 -5.92 30.67 18.43
CA ASP D 59 -4.94 29.62 18.69
C ASP D 59 -5.55 28.32 19.22
N VAL D 60 -6.06 28.35 20.46
CA VAL D 60 -6.51 27.15 21.18
C VAL D 60 -7.89 26.65 20.70
N ASN D 61 -8.60 27.48 19.92
CA ASN D 61 -9.92 27.15 19.37
C ASN D 61 -9.97 26.03 18.32
N GLU D 62 -8.79 25.57 17.88
CA GLU D 62 -8.70 24.43 16.94
C GLU D 62 -8.62 23.07 17.64
N ALA D 63 -7.94 23.03 18.79
CA ALA D 63 -7.91 21.85 19.65
C ALA D 63 -9.29 21.55 20.26
N LEU D 64 -10.04 22.62 20.55
CA LEU D 64 -11.42 22.52 21.04
C LEU D 64 -12.44 22.22 19.94
N LYS D 65 -12.09 22.57 18.70
CA LYS D 65 -12.88 22.18 17.53
C LYS D 65 -12.84 20.65 17.36
N LEU D 66 -11.65 20.06 17.54
CA LEU D 66 -11.49 18.60 17.49
C LEU D 66 -12.25 17.90 18.64
N ILE D 67 -12.22 18.45 19.84
CA ILE D 67 -12.99 17.92 20.97
C ILE D 67 -14.51 17.89 20.69
N VAL D 68 -15.05 18.99 20.19
CA VAL D 68 -16.46 19.08 19.81
C VAL D 68 -16.81 18.07 18.70
N GLU D 69 -15.92 17.94 17.70
CA GLU D 69 -16.06 16.93 16.65
C GLU D 69 -16.09 15.52 17.24
N ALA D 70 -15.11 15.23 18.12
CA ALA D 70 -15.04 13.95 18.81
C ALA D 70 -16.34 13.61 19.52
N ILE D 71 -16.89 14.58 20.26
CA ILE D 71 -18.10 14.41 21.04
C ILE D 71 -19.28 14.10 20.14
N GLU D 72 -19.45 14.91 19.09
CA GLU D 72 -20.51 14.70 18.10
C GLU D 72 -20.51 13.28 17.47
N ALA D 73 -19.30 12.81 17.15
CA ALA D 73 -19.10 11.51 16.53
C ALA D 73 -19.37 10.38 17.55
N ALA D 74 -18.87 10.57 18.78
CA ALA D 74 -19.07 9.63 19.89
C ALA D 74 -20.53 9.45 20.26
N VAL D 75 -21.30 10.53 20.22
CA VAL D 75 -22.75 10.50 20.44
C VAL D 75 -23.43 9.71 19.31
N ASP D 76 -23.06 10.01 18.05
CA ASP D 76 -23.49 9.21 16.90
C ASP D 76 -23.20 7.71 17.11
N ALA D 77 -22.01 7.39 17.59
CA ALA D 77 -21.59 6.00 17.85
C ALA D 77 -22.44 5.35 18.94
N LEU D 78 -22.74 6.14 19.98
CA LEU D 78 -23.61 5.70 21.07
C LEU D 78 -25.03 5.43 20.55
N GLU D 79 -25.57 6.31 19.71
CA GLU D 79 -26.91 6.11 19.13
C GLU D 79 -26.96 4.84 18.26
N ALA D 80 -25.90 4.61 17.49
CA ALA D 80 -25.78 3.43 16.64
C ALA D 80 -25.65 2.13 17.46
N ALA D 81 -24.88 2.18 18.54
CA ALA D 81 -24.73 1.06 19.48
C ALA D 81 -26.09 0.66 20.08
N GLU D 82 -26.89 1.67 20.42
CA GLU D 82 -28.24 1.50 20.95
C GLU D 82 -29.15 0.72 19.97
N ARG D 83 -28.97 0.94 18.68
CA ARG D 83 -29.78 0.23 17.66
C ARG D 83 -29.10 -1.06 17.14
N THR D 84 -28.03 -1.52 17.83
CA THR D 84 -27.30 -2.73 17.45
C THR D 84 -27.77 -3.98 18.22
N GLY D 85 -28.17 -5.02 17.48
CA GLY D 85 -28.74 -6.25 18.06
C GLY D 85 -27.79 -7.13 18.86
N ASP D 86 -26.54 -7.21 18.44
CA ASP D 86 -25.51 -8.08 19.02
C ASP D 86 -24.82 -7.39 20.20
N PRO D 87 -24.90 -7.99 21.40
CA PRO D 87 -24.28 -7.40 22.60
C PRO D 87 -22.74 -7.30 22.55
N GLU D 88 -22.10 -8.23 21.85
CA GLU D 88 -20.63 -8.20 21.65
C GLU D 88 -20.21 -6.93 20.89
N VAL D 89 -20.89 -6.64 19.79
CA VAL D 89 -20.68 -5.44 18.99
C VAL D 89 -21.01 -4.18 19.84
N ARG D 90 -22.11 -4.24 20.58
CA ARG D 90 -22.50 -3.13 21.43
C ARG D 90 -21.36 -2.83 22.40
N GLU D 91 -20.95 -3.85 23.16
CA GLU D 91 -19.85 -3.71 24.09
C GLU D 91 -18.59 -3.11 23.44
N LEU D 92 -18.28 -3.54 22.22
CA LEU D 92 -17.11 -3.03 21.51
C LEU D 92 -17.27 -1.57 21.16
N ALA D 93 -18.48 -1.19 20.71
CA ALA D 93 -18.80 0.21 20.37
C ALA D 93 -18.68 1.14 21.58
N ARG D 94 -19.24 0.70 22.72
CA ARG D 94 -19.12 1.43 23.99
C ARG D 94 -17.67 1.63 24.42
N GLU D 95 -16.83 0.62 24.19
CA GLU D 95 -15.42 0.72 24.52
C GLU D 95 -14.67 1.74 23.65
N LEU D 96 -15.07 1.86 22.39
CA LEU D 96 -14.51 2.87 21.51
C LEU D 96 -14.89 4.29 21.96
N VAL D 97 -16.15 4.48 22.34
CA VAL D 97 -16.64 5.75 22.90
C VAL D 97 -15.87 6.09 24.18
N ARG D 98 -15.68 5.10 25.06
CA ARG D 98 -14.90 5.25 26.31
C ARG D 98 -13.50 5.77 26.02
N LEU D 99 -12.86 5.17 25.00
CA LEU D 99 -11.49 5.52 24.62
C LEU D 99 -11.42 6.92 24.01
N ALA D 100 -12.48 7.30 23.30
CA ALA D 100 -12.67 8.66 22.78
C ALA D 100 -12.76 9.71 23.90
N VAL D 101 -13.55 9.42 24.93
CA VAL D 101 -13.67 10.27 26.13
C VAL D 101 -12.27 10.50 26.75
N GLU D 102 -11.53 9.43 27.01
CA GLU D 102 -10.14 9.51 27.50
C GLU D 102 -9.19 10.32 26.62
N ALA D 103 -9.28 10.13 25.30
CA ALA D 103 -8.44 10.87 24.37
C ALA D 103 -8.80 12.36 24.31
N ALA D 104 -10.10 12.66 24.44
CA ALA D 104 -10.59 14.04 24.49
C ALA D 104 -10.12 14.77 25.74
N GLU D 105 -10.15 14.08 26.89
CA GLU D 105 -9.65 14.62 28.18
C GLU D 105 -8.16 14.95 28.08
N GLU D 106 -7.39 14.05 27.46
CA GLU D 106 -5.97 14.27 27.21
C GLU D 106 -5.69 15.51 26.36
N VAL D 107 -6.48 15.70 25.30
CA VAL D 107 -6.35 16.91 24.45
C VAL D 107 -6.65 18.17 25.26
N GLN D 108 -7.67 18.13 26.10
CA GLN D 108 -8.09 19.28 26.90
C GLN D 108 -7.05 19.66 27.95
N ARG D 109 -6.37 18.64 28.47
CA ARG D 109 -5.32 18.78 29.50
C ARG D 109 -3.96 19.16 28.88
N ASN D 110 -3.81 18.98 27.57
CA ASN D 110 -2.54 19.25 26.88
C ASN D 110 -2.72 19.62 25.38
N PRO D 111 -3.43 20.74 25.08
CA PRO D 111 -3.89 21.05 23.70
C PRO D 111 -2.83 21.28 22.62
N SER D 112 -1.58 21.46 23.01
CA SER D 112 -0.49 21.78 22.05
C SER D 112 0.35 20.56 21.62
N SER D 113 0.16 19.42 22.30
CA SER D 113 0.88 18.18 21.99
C SER D 113 0.33 17.53 20.73
N SER D 114 1.22 17.27 19.76
CA SER D 114 0.83 16.67 18.49
C SER D 114 0.50 15.17 18.62
N ASP D 115 1.13 14.49 19.59
CA ASP D 115 0.88 13.08 19.89
C ASP D 115 -0.53 12.86 20.45
N VAL D 116 -0.91 13.75 21.36
CA VAL D 116 -2.20 13.70 22.04
C VAL D 116 -3.33 14.06 21.05
N ASN D 117 -3.07 15.02 20.17
CA ASN D 117 -4.00 15.40 19.11
C ASN D 117 -4.16 14.31 18.04
N GLU D 118 -3.08 13.60 17.72
CA GLU D 118 -3.14 12.52 16.74
C GLU D 118 -3.97 11.33 17.23
N ALA D 119 -3.78 10.94 18.49
CA ALA D 119 -4.54 9.89 19.14
C ALA D 119 -6.07 10.13 19.08
N LEU D 120 -6.51 11.36 19.39
CA LEU D 120 -7.92 11.71 19.28
C LEU D 120 -8.41 11.63 17.83
N HIS D 121 -7.66 12.24 16.90
CA HIS D 121 -7.94 12.18 15.47
C HIS D 121 -8.14 10.74 14.94
N SER D 122 -7.26 9.82 15.35
CA SER D 122 -7.33 8.41 14.97
C SER D 122 -8.59 7.72 15.49
N ILE D 123 -8.99 8.09 16.71
CA ILE D 123 -10.21 7.53 17.30
C ILE D 123 -11.47 8.03 16.60
N VAL D 124 -11.50 9.31 16.25
CA VAL D 124 -12.61 9.92 15.51
C VAL D 124 -12.75 9.28 14.12
N TYR D 125 -11.61 9.14 13.43
CA TYR D 125 -11.54 8.39 12.18
C TYR D 125 -12.17 6.98 12.33
N ALA D 126 -11.75 6.25 13.38
CA ALA D 126 -12.25 4.91 13.67
C ALA D 126 -13.74 4.87 13.97
N ILE D 127 -14.20 5.82 14.78
CA ILE D 127 -15.64 6.00 15.12
C ILE D 127 -16.53 6.21 13.87
N GLU D 128 -16.10 7.05 12.95
CA GLU D 128 -16.79 7.26 11.66
C GLU D 128 -16.89 5.98 10.84
N ALA D 129 -15.81 5.20 10.82
CA ALA D 129 -15.82 3.87 10.19
C ALA D 129 -16.76 2.93 10.93
N ALA D 130 -16.74 2.97 12.27
CA ALA D 130 -17.63 2.11 13.09
C ALA D 130 -19.10 2.42 12.86
N ILE D 131 -19.45 3.70 12.78
CA ILE D 131 -20.84 4.15 12.53
C ILE D 131 -21.34 3.63 11.19
N PHE D 132 -20.53 3.71 10.15
CA PHE D 132 -20.88 3.12 8.86
C PHE D 132 -21.11 1.60 9.01
N ALA D 133 -20.20 0.91 9.68
CA ALA D 133 -20.29 -0.53 9.87
C ALA D 133 -21.54 -0.95 10.68
N LEU D 134 -21.75 -0.31 11.84
CA LEU D 134 -22.93 -0.63 12.69
C LEU D 134 -24.24 -0.36 11.98
N GLU D 135 -24.32 0.77 11.27
CA GLU D 135 -25.50 1.12 10.50
C GLU D 135 -25.76 0.16 9.33
N ALA D 136 -24.70 -0.33 8.68
CA ALA D 136 -24.87 -1.34 7.64
C ALA D 136 -25.38 -2.69 8.21
N ALA D 137 -24.85 -3.09 9.38
CA ALA D 137 -25.30 -4.32 10.08
C ALA D 137 -26.79 -4.28 10.41
N GLU D 138 -27.25 -3.13 10.89
CA GLU D 138 -28.65 -2.99 11.25
C GLU D 138 -29.57 -2.89 10.04
N ARG D 139 -29.17 -2.13 9.03
CA ARG D 139 -29.93 -2.01 7.79
C ARG D 139 -30.10 -3.36 7.09
N THR D 140 -29.04 -4.15 6.98
CA THR D 140 -29.07 -5.42 6.28
C THR D 140 -29.59 -6.60 7.10
N GLY D 141 -29.44 -6.54 8.43
CA GLY D 141 -29.68 -7.68 9.34
C GLY D 141 -28.81 -8.88 9.05
N ASP D 142 -27.73 -8.70 8.29
CA ASP D 142 -26.99 -9.80 7.69
C ASP D 142 -25.85 -10.25 8.63
N PRO D 143 -25.68 -11.58 8.81
CA PRO D 143 -24.67 -12.10 9.73
C PRO D 143 -23.24 -11.78 9.32
N GLU D 144 -22.95 -11.80 8.02
CA GLU D 144 -21.61 -11.52 7.54
C GLU D 144 -21.24 -10.04 7.75
N VAL D 145 -22.19 -9.14 7.51
CA VAL D 145 -22.01 -7.71 7.75
C VAL D 145 -21.84 -7.46 9.24
N ARG D 146 -22.59 -8.19 10.06
CA ARG D 146 -22.40 -8.12 11.51
C ARG D 146 -20.95 -8.51 11.93
N GLU D 147 -20.45 -9.65 11.43
CA GLU D 147 -19.09 -10.11 11.79
C GLU D 147 -18.01 -9.16 11.30
N LEU D 148 -18.22 -8.55 10.13
CA LEU D 148 -17.31 -7.54 9.60
C LEU D 148 -17.32 -6.28 10.49
N ALA D 149 -18.50 -5.85 10.93
CA ALA D 149 -18.66 -4.73 11.85
C ALA D 149 -17.96 -5.00 13.19
N ARG D 150 -18.15 -6.21 13.72
CA ARG D 150 -17.40 -6.66 14.89
C ARG D 150 -15.87 -6.56 14.69
N GLU D 151 -15.36 -7.12 13.60
CA GLU D 151 -13.92 -7.09 13.25
C GLU D 151 -13.40 -5.63 13.22
N LEU D 152 -14.16 -4.74 12.59
CA LEU D 152 -13.79 -3.32 12.49
C LEU D 152 -13.67 -2.67 13.87
N VAL D 153 -14.70 -2.79 14.70
CA VAL D 153 -14.70 -2.16 16.03
C VAL D 153 -13.62 -2.75 16.95
N ARG D 154 -13.44 -4.07 16.89
CA ARG D 154 -12.40 -4.77 17.65
C ARG D 154 -11.02 -4.20 17.28
N LEU D 155 -10.80 -4.03 15.98
CA LEU D 155 -9.57 -3.45 15.46
C LEU D 155 -9.36 -2.04 15.99
N ALA D 156 -10.41 -1.23 15.94
CA ALA D 156 -10.37 0.15 16.39
C ALA D 156 -10.01 0.24 17.89
N VAL D 157 -10.65 -0.58 18.71
CA VAL D 157 -10.38 -0.65 20.15
C VAL D 157 -8.92 -1.07 20.41
N GLU D 158 -8.46 -2.14 19.73
CA GLU D 158 -7.09 -2.64 19.83
C GLU D 158 -6.06 -1.54 19.56
N ALA D 159 -6.27 -0.81 18.47
CA ALA D 159 -5.38 0.28 18.06
C ALA D 159 -5.29 1.41 19.10
N ALA D 160 -6.46 1.86 19.59
CA ALA D 160 -6.53 2.97 20.55
C ALA D 160 -5.87 2.63 21.88
N GLU D 161 -5.97 1.38 22.30
CA GLU D 161 -5.38 0.90 23.56
C GLU D 161 -3.87 0.75 23.49
N GLU D 162 -3.35 0.35 22.32
CA GLU D 162 -1.91 0.30 22.08
C GLU D 162 -1.28 1.68 21.97
N VAL D 163 -2.00 2.60 21.32
CA VAL D 163 -1.60 4.02 21.17
C VAL D 163 -1.57 4.73 22.53
N GLN D 164 -2.42 4.30 23.45
CA GLN D 164 -2.37 4.73 24.84
C GLN D 164 -1.06 4.32 25.52
N ARG D 165 -0.69 3.04 25.35
CA ARG D 165 0.55 2.48 25.90
C ARG D 165 1.78 3.13 25.25
N ASN D 166 1.87 3.06 23.92
CA ASN D 166 2.97 3.65 23.15
C ASN D 166 2.41 4.57 22.05
N PRO D 167 2.58 5.92 22.18
CA PRO D 167 2.03 6.91 21.24
C PRO D 167 2.42 6.70 19.77
N SER D 168 3.66 6.27 19.54
CA SER D 168 4.17 5.91 18.22
C SER D 168 3.32 4.89 17.44
N SER D 169 2.84 3.84 18.14
CA SER D 169 2.15 2.65 17.60
C SER D 169 1.31 2.88 16.35
N ARG D 170 1.62 2.11 15.30
CA ARG D 170 1.18 2.42 13.94
C ARG D 170 -0.35 2.34 13.72
N ASN D 171 -0.81 3.13 12.74
CA ASN D 171 -2.22 3.37 12.48
C ASN D 171 -2.91 2.25 11.68
N VAL D 172 -4.20 2.07 11.97
CA VAL D 172 -5.00 1.03 11.34
C VAL D 172 -5.95 1.55 10.24
N GLU D 173 -5.67 2.71 9.65
CA GLU D 173 -6.54 3.33 8.63
C GLU D 173 -6.78 2.46 7.40
N HIS D 174 -5.71 1.89 6.84
CA HIS D 174 -5.87 0.92 5.75
C HIS D 174 -6.71 -0.30 6.14
N ALA D 175 -6.44 -0.84 7.34
CA ALA D 175 -7.12 -2.03 7.84
C ALA D 175 -8.62 -1.77 8.09
N LEU D 176 -8.96 -0.58 8.54
CA LEU D 176 -10.36 -0.21 8.75
C LEU D 176 -11.10 -0.03 7.41
N MET D 177 -10.46 0.62 6.44
CA MET D 177 -11.04 0.89 5.13
C MET D 177 -11.27 -0.37 4.30
N ARG D 178 -10.37 -1.33 4.46
CA ARG D 178 -10.49 -2.67 3.89
C ARG D 178 -11.82 -3.34 4.29
N ILE D 179 -12.19 -3.22 5.57
CA ILE D 179 -13.46 -3.75 6.08
C ILE D 179 -14.68 -2.95 5.58
N VAL D 180 -14.52 -1.63 5.51
CA VAL D 180 -15.56 -0.76 4.96
C VAL D 180 -15.92 -1.23 3.55
N LEU D 181 -14.89 -1.41 2.73
CA LEU D 181 -15.09 -1.91 1.37
C LEU D 181 -15.77 -3.26 1.37
N ALA D 182 -15.33 -4.17 2.24
CA ALA D 182 -15.92 -5.52 2.29
C ALA D 182 -17.38 -5.44 2.67
N ILE D 183 -17.70 -4.55 3.63
CA ILE D 183 -19.09 -4.33 4.07
C ILE D 183 -19.93 -3.78 2.92
N TYR D 184 -19.41 -2.74 2.29
CA TYR D 184 -20.04 -2.13 1.13
C TYR D 184 -20.38 -3.14 0.04
N LEU D 185 -19.42 -3.98 -0.33
CA LEU D 185 -19.64 -5.00 -1.38
C LEU D 185 -20.63 -6.08 -0.94
N ALA D 186 -20.59 -6.43 0.34
CA ALA D 186 -21.54 -7.39 0.91
C ALA D 186 -22.96 -6.83 0.84
N GLU D 187 -23.14 -5.58 1.24
CA GLU D 187 -24.43 -4.91 1.12
C GLU D 187 -24.90 -4.83 -0.34
N GLU D 188 -24.02 -4.42 -1.26
CA GLU D 188 -24.34 -4.44 -2.71
C GLU D 188 -24.76 -5.79 -3.26
N ASN D 189 -24.12 -6.87 -2.80
CA ASN D 189 -24.46 -8.22 -3.25
C ASN D 189 -25.86 -8.65 -2.76
N LEU D 190 -26.32 -8.07 -1.65
CA LEU D 190 -27.65 -8.34 -1.10
C LEU D 190 -28.79 -7.68 -1.89
N ARG D 191 -28.51 -6.51 -2.48
CA ARG D 191 -29.42 -5.85 -3.43
C ARG D 191 -29.89 -6.75 -4.57
N GLU D 192 -28.98 -7.58 -5.07
CA GLU D 192 -29.21 -8.54 -6.18
C GLU D 192 -30.34 -9.52 -5.86
#